data_2G8S
#
_entry.id   2G8S
#
_cell.length_a   40.829
_cell.length_b   113.475
_cell.length_c   75.372
_cell.angle_alpha   90.00
_cell.angle_beta   90.03
_cell.angle_gamma   90.00
#
_symmetry.space_group_name_H-M   'P 1 21 1'
#
loop_
_entity.id
_entity.type
_entity.pdbx_description
1 polymer 'Glucose/sorbosone dehydrogenases'
2 non-polymer 'CALCIUM ION'
3 non-polymer 'PHOSPHATE ION'
4 non-polymer 1,2-ETHANEDIOL
5 water water
#
_entity_poly.entity_id   1
_entity_poly.type   'polypeptide(L)'
_entity_poly.pdbx_seq_one_letter_code
;GAMAPATVNVEVLQDKLDHPWALAFLPDNHG(MSE)LITLRGGELRHWQAGKGLSAPLSGVPDVWAHGQGGLLDVVLAPD
FAQSRRIWLSYSEVGDDGKAGTAVGYGRLSDDLSKVTDFRTVFRQ(MSE)PKLSTGNHFGGRLVFDGKGYLFIALGENNQ
RPTAQDLDKLQGKLVRLTDQGEIPDDNPFIKESGVRAEIWSYGIRNPQG(MSE)A(MSE)NPWSNALWLNEHGPRGGDEI
NIPQKGKNYGWPLATWGINYSGFKIPEAKGEIVAGTEQPVFYWKDSPAVSG(MSE)AFYNSDKFPQWQQKLFIGALKDKD
VIV(MSE)SVNGDKVTEDGRILTDRGQRIRDVRTGPDGYLYVLTDESSGELLKVSPR
;
_entity_poly.pdbx_strand_id   A,B
#
loop_
_chem_comp.id
_chem_comp.type
_chem_comp.name
_chem_comp.formula
CA non-polymer 'CALCIUM ION' 'Ca 2'
EDO non-polymer 1,2-ETHANEDIOL 'C2 H6 O2'
PO4 non-polymer 'PHOSPHATE ION' 'O4 P -3'
#
# COMPACT_ATOMS: atom_id res chain seq x y z
N ALA A 6 14.51 9.97 -6.06
CA ALA A 6 14.90 10.71 -7.30
C ALA A 6 14.24 10.12 -8.54
N THR A 7 14.30 8.79 -8.67
CA THR A 7 13.73 8.08 -9.82
CA THR A 7 13.71 8.11 -9.83
C THR A 7 12.47 7.30 -9.46
N VAL A 8 12.32 7.01 -8.16
CA VAL A 8 11.17 6.21 -7.73
C VAL A 8 10.33 6.86 -6.63
N ASN A 9 9.07 6.45 -6.58
CA ASN A 9 8.17 6.80 -5.50
C ASN A 9 8.30 5.78 -4.38
N VAL A 10 8.31 6.26 -3.14
CA VAL A 10 8.47 5.36 -2.00
C VAL A 10 7.43 5.71 -0.95
N GLU A 11 6.63 4.73 -0.55
CA GLU A 11 5.67 4.88 0.54
C GLU A 11 6.11 3.97 1.67
N VAL A 12 6.26 4.54 2.87
CA VAL A 12 6.58 3.74 4.05
C VAL A 12 5.29 3.13 4.59
N LEU A 13 5.14 1.82 4.43
CA LEU A 13 3.93 1.13 4.89
C LEU A 13 3.96 0.86 6.39
N GLN A 14 5.15 0.52 6.90
CA GLN A 14 5.34 0.20 8.29
C GLN A 14 6.77 0.52 8.69
N ASP A 15 6.94 1.20 9.82
CA ASP A 15 8.27 1.46 10.33
CA ASP A 15 8.25 1.52 10.37
C ASP A 15 8.54 0.71 11.63
N LYS A 16 9.70 0.98 12.24
CA LYS A 16 10.11 0.38 13.51
CA LYS A 16 10.08 0.38 13.52
C LYS A 16 10.08 -1.16 13.49
N LEU A 17 10.52 -1.72 12.37
CA LEU A 17 10.61 -3.18 12.27
C LEU A 17 12.02 -3.61 12.66
N ASP A 18 12.12 -4.44 13.70
CA ASP A 18 13.42 -4.90 14.20
CA ASP A 18 13.44 -4.86 14.16
C ASP A 18 13.99 -6.00 13.30
N HIS A 19 14.85 -5.62 12.36
CA HIS A 19 15.51 -6.56 11.44
C HIS A 19 14.56 -7.55 10.75
N PRO A 20 13.64 -7.03 9.93
CA PRO A 20 12.78 -7.92 9.16
C PRO A 20 13.65 -8.71 8.16
N TRP A 21 13.28 -9.94 7.87
CA TRP A 21 14.08 -10.75 6.94
C TRP A 21 13.35 -11.09 5.65
N ALA A 22 12.06 -11.38 5.76
CA ALA A 22 11.27 -11.80 4.61
C ALA A 22 9.81 -11.44 4.76
N LEU A 23 9.11 -11.44 3.63
CA LEU A 23 7.66 -11.28 3.65
C LEU A 23 6.96 -12.28 2.74
N ALA A 24 5.71 -12.58 3.06
CA ALA A 24 4.87 -13.42 2.22
C ALA A 24 3.53 -12.73 2.06
N PHE A 25 3.09 -12.58 0.82
CA PHE A 25 1.79 -11.97 0.56
C PHE A 25 0.69 -12.98 0.79
N LEU A 26 -0.31 -12.58 1.58
CA LEU A 26 -1.49 -13.42 1.78
C LEU A 26 -2.49 -13.17 0.66
N PRO A 27 -3.19 -14.22 0.22
CA PRO A 27 -4.14 -14.04 -0.89
C PRO A 27 -5.36 -13.19 -0.51
N ASP A 28 -6.11 -12.79 -1.54
CA ASP A 28 -7.38 -12.07 -1.36
CA ASP A 28 -7.38 -12.07 -1.36
C ASP A 28 -7.24 -10.82 -0.50
N ASN A 29 -6.14 -10.08 -0.72
CA ASN A 29 -5.92 -8.78 -0.10
CA ASN A 29 -5.92 -8.77 -0.09
C ASN A 29 -5.90 -8.81 1.45
N HIS A 30 -5.41 -9.92 1.99
CA HIS A 30 -5.31 -10.08 3.45
CA HIS A 30 -5.32 -10.06 3.46
C HIS A 30 -3.98 -9.59 4.02
N GLY A 31 -3.23 -8.81 3.23
CA GLY A 31 -1.98 -8.24 3.72
C GLY A 31 -0.84 -9.22 3.57
N MSE A 32 0.07 -9.22 4.55
CA MSE A 32 1.28 -10.04 4.47
CA MSE A 32 1.26 -10.05 4.46
C MSE A 32 1.82 -10.47 5.81
O MSE A 32 1.52 -9.85 6.83
CB MSE A 32 2.37 -9.26 3.75
CB MSE A 32 2.35 -9.41 3.56
CG MSE A 32 2.80 -8.02 4.48
CG MSE A 32 2.85 -8.03 3.97
SE MSE A 32 4.13 -7.15 3.57
SE MSE A 32 3.45 -6.88 2.37
CE MSE A 32 3.07 -6.40 2.06
CE MSE A 32 1.86 -5.91 2.14
N LEU A 33 2.60 -11.54 5.80
CA LEU A 33 3.36 -11.96 6.98
C LEU A 33 4.77 -11.43 6.81
N ILE A 34 5.40 -11.08 7.93
CA ILE A 34 6.77 -10.59 7.95
C ILE A 34 7.53 -11.32 9.03
N THR A 35 8.71 -11.83 8.72
CA THR A 35 9.58 -12.38 9.75
C THR A 35 10.48 -11.29 10.29
N LEU A 36 10.63 -11.25 11.61
CA LEU A 36 11.61 -10.40 12.27
CA LEU A 36 11.60 -10.39 12.28
C LEU A 36 12.66 -11.34 12.83
N ARG A 37 13.92 -11.06 12.49
CA ARG A 37 14.98 -12.05 12.68
CA ARG A 37 14.98 -12.05 12.68
C ARG A 37 15.21 -12.45 14.14
N GLY A 38 14.85 -11.58 15.06
CA GLY A 38 14.96 -11.89 16.48
C GLY A 38 14.04 -13.03 16.92
N GLY A 39 13.05 -13.36 16.09
CA GLY A 39 12.23 -14.55 16.31
C GLY A 39 10.72 -14.40 16.24
N GLU A 40 10.24 -13.24 15.80
CA GLU A 40 8.81 -12.97 15.71
C GLU A 40 8.29 -13.03 14.28
N LEU A 41 7.13 -13.67 14.13
CA LEU A 41 6.36 -13.65 12.87
C LEU A 41 5.15 -12.75 13.11
N ARG A 42 4.96 -11.76 12.25
CA ARG A 42 3.86 -10.81 12.44
C ARG A 42 3.07 -10.64 11.16
N HIS A 43 1.83 -10.20 11.30
CA HIS A 43 0.95 -9.92 10.17
C HIS A 43 0.80 -8.41 10.02
N TRP A 44 0.96 -7.92 8.79
CA TRP A 44 0.68 -6.52 8.48
C TRP A 44 -0.47 -6.43 7.48
N GLN A 45 -1.37 -5.48 7.69
N GLN A 45 -1.37 -5.48 7.70
CA GLN A 45 -2.45 -5.23 6.73
CA GLN A 45 -2.49 -5.24 6.78
C GLN A 45 -2.85 -3.77 6.73
C GLN A 45 -2.80 -3.75 6.73
N ALA A 46 -3.10 -3.24 5.53
CA ALA A 46 -3.48 -1.83 5.36
C ALA A 46 -4.67 -1.50 6.26
N GLY A 47 -4.54 -0.42 7.04
CA GLY A 47 -5.63 0.00 7.92
C GLY A 47 -5.63 -0.66 9.28
N LYS A 48 -4.90 -1.77 9.42
CA LYS A 48 -4.80 -2.50 10.68
C LYS A 48 -3.43 -2.36 11.33
N GLY A 49 -2.42 -2.12 10.51
CA GLY A 49 -1.05 -2.04 10.99
C GLY A 49 -0.48 -3.42 11.28
N LEU A 50 0.43 -3.46 12.24
CA LEU A 50 1.23 -4.63 12.53
C LEU A 50 0.68 -5.38 13.73
N SER A 51 0.47 -6.69 13.56
CA SER A 51 -0.08 -7.54 14.63
C SER A 51 0.96 -7.85 15.69
N ALA A 52 0.49 -8.36 16.83
CA ALA A 52 1.35 -9.01 17.81
C ALA A 52 1.98 -10.26 17.17
N PRO A 53 3.07 -10.77 17.75
CA PRO A 53 3.65 -11.99 17.21
C PRO A 53 2.66 -13.13 17.17
N LEU A 54 2.67 -13.90 16.08
CA LEU A 54 1.83 -15.09 16.00
C LEU A 54 2.39 -16.15 16.93
N SER A 55 1.51 -16.99 17.45
CA SER A 55 1.94 -18.11 18.29
CA SER A 55 1.94 -18.11 18.28
C SER A 55 2.25 -19.32 17.40
N GLY A 56 2.99 -20.29 17.96
CA GLY A 56 3.32 -21.52 17.25
C GLY A 56 4.57 -21.49 16.37
N VAL A 57 5.34 -20.41 16.49
CA VAL A 57 6.55 -20.21 15.69
C VAL A 57 7.72 -20.90 16.42
N PRO A 58 8.61 -21.58 15.67
CA PRO A 58 9.73 -22.27 16.35
C PRO A 58 10.65 -21.28 17.06
N ASP A 59 11.28 -21.75 18.14
CA ASP A 59 12.34 -21.00 18.79
C ASP A 59 13.54 -20.98 17.84
N VAL A 60 14.26 -19.86 17.86
CA VAL A 60 15.39 -19.67 16.95
C VAL A 60 16.65 -19.25 17.70
N TRP A 61 17.79 -19.41 17.03
CA TRP A 61 19.09 -19.02 17.57
C TRP A 61 19.44 -17.68 16.93
N ALA A 62 19.08 -16.60 17.62
CA ALA A 62 19.18 -15.25 17.07
C ALA A 62 20.52 -14.62 17.42
N HIS A 63 21.56 -15.10 16.73
CA HIS A 63 22.91 -14.62 16.93
C HIS A 63 23.58 -14.44 15.59
N GLY A 64 24.44 -13.43 15.49
CA GLY A 64 25.12 -13.10 14.24
C GLY A 64 24.11 -12.82 13.15
N GLN A 65 24.25 -13.53 12.04
CA GLN A 65 23.37 -13.38 10.87
C GLN A 65 22.11 -14.25 11.01
N GLY A 66 22.03 -15.01 12.10
CA GLY A 66 20.98 -16.01 12.30
C GLY A 66 19.73 -15.48 12.97
N GLY A 67 18.74 -16.37 13.08
CA GLY A 67 17.46 -16.08 13.73
C GLY A 67 16.31 -16.70 12.95
N LEU A 68 15.19 -15.98 12.90
CA LEU A 68 14.04 -16.39 12.08
C LEU A 68 14.26 -15.80 10.70
N LEU A 69 14.24 -16.65 9.69
CA LEU A 69 14.66 -16.25 8.34
C LEU A 69 13.49 -16.19 7.37
N ASP A 70 13.32 -17.18 6.50
CA ASP A 70 12.30 -17.04 5.45
C ASP A 70 10.91 -17.41 5.91
N VAL A 71 9.91 -16.81 5.26
CA VAL A 71 8.53 -17.26 5.39
C VAL A 71 7.98 -17.36 3.97
N VAL A 72 7.46 -18.53 3.61
CA VAL A 72 6.94 -18.77 2.26
C VAL A 72 5.66 -19.58 2.33
N LEU A 73 4.65 -19.20 1.57
CA LEU A 73 3.40 -19.98 1.53
C LEU A 73 3.61 -21.22 0.67
N ALA A 74 3.03 -22.35 1.07
CA ALA A 74 3.04 -23.53 0.22
C ALA A 74 2.28 -23.25 -1.08
N PRO A 75 2.65 -23.93 -2.18
CA PRO A 75 1.92 -23.67 -3.43
C PRO A 75 0.41 -23.92 -3.32
N ASP A 76 0.01 -24.89 -2.49
CA ASP A 76 -1.41 -25.22 -2.31
C ASP A 76 -2.05 -24.51 -1.11
N PHE A 77 -1.49 -23.37 -0.70
CA PHE A 77 -1.97 -22.58 0.45
C PHE A 77 -3.50 -22.37 0.44
N ALA A 78 -4.06 -22.13 -0.74
CA ALA A 78 -5.50 -21.91 -0.89
C ALA A 78 -6.34 -23.00 -0.25
N GLN A 79 -5.82 -24.22 -0.23
CA GLN A 79 -6.50 -25.36 0.40
CA GLN A 79 -6.49 -25.34 0.42
C GLN A 79 -5.86 -25.74 1.74
N SER A 80 -4.53 -25.80 1.76
CA SER A 80 -3.78 -26.32 2.92
C SER A 80 -3.52 -25.31 4.03
N ARG A 81 -3.46 -24.04 3.64
CA ARG A 81 -3.00 -22.93 4.51
C ARG A 81 -1.61 -23.19 5.10
N ARG A 82 -0.82 -24.02 4.43
CA ARG A 82 0.51 -24.37 4.91
C ARG A 82 1.50 -23.24 4.65
N ILE A 83 2.26 -22.89 5.68
CA ILE A 83 3.35 -21.94 5.55
C ILE A 83 4.65 -22.57 6.00
N TRP A 84 5.73 -22.26 5.29
CA TRP A 84 7.06 -22.77 5.57
C TRP A 84 7.92 -21.69 6.19
N LEU A 85 8.75 -22.06 7.16
CA LEU A 85 9.71 -21.14 7.77
C LEU A 85 11.10 -21.75 7.79
N SER A 86 12.12 -20.90 7.65
CA SER A 86 13.48 -21.34 7.91
C SER A 86 14.07 -20.49 9.05
N TYR A 87 15.04 -21.05 9.74
CA TYR A 87 15.59 -20.39 10.92
C TYR A 87 16.93 -21.02 11.27
N SER A 88 17.72 -20.36 12.10
CA SER A 88 18.92 -21.00 12.63
C SER A 88 18.61 -21.69 13.95
N GLU A 89 19.24 -22.84 14.16
CA GLU A 89 18.99 -23.68 15.33
C GLU A 89 20.33 -24.17 15.90
N VAL A 90 20.49 -24.07 17.21
CA VAL A 90 21.74 -24.45 17.84
C VAL A 90 21.83 -25.98 17.99
N GLY A 91 23.07 -26.46 18.03
N GLY A 91 23.06 -26.48 18.06
CA GLY A 91 23.34 -27.86 18.28
CA GLY A 91 23.32 -27.90 18.29
C GLY A 91 23.90 -28.06 19.67
C GLY A 91 24.47 -28.13 19.25
N ASP A 92 24.77 -29.05 19.79
N ASP A 92 25.08 -29.31 19.19
CA ASP A 92 25.22 -29.54 21.10
CA ASP A 92 26.20 -29.58 20.10
C ASP A 92 26.55 -28.97 21.58
C ASP A 92 27.41 -28.70 19.76
N ASP A 93 27.18 -28.15 20.73
N ASP A 93 28.24 -28.45 20.77
CA ASP A 93 28.48 -27.55 21.03
CA ASP A 93 29.42 -27.59 20.62
C ASP A 93 28.42 -26.03 20.91
C ASP A 93 29.08 -26.10 20.46
N GLY A 94 27.19 -25.52 20.86
N GLY A 94 27.84 -25.73 20.77
CA GLY A 94 26.96 -24.09 20.75
CA GLY A 94 27.42 -24.32 20.77
C GLY A 94 27.00 -23.60 19.32
C GLY A 94 27.37 -23.66 19.40
N LYS A 95 27.31 -24.49 18.36
CA LYS A 95 27.30 -24.08 16.96
C LYS A 95 25.93 -24.33 16.38
N ALA A 96 25.63 -23.67 15.27
CA ALA A 96 24.27 -23.66 14.72
C ALA A 96 24.22 -24.02 13.23
N GLY A 97 23.02 -24.30 12.75
CA GLY A 97 22.80 -24.63 11.36
C GLY A 97 21.39 -24.24 11.00
N THR A 98 21.11 -24.17 9.70
CA THR A 98 19.79 -23.82 9.21
C THR A 98 18.81 -24.98 9.38
N ALA A 99 17.56 -24.63 9.70
CA ALA A 99 16.49 -25.62 9.85
C ALA A 99 15.28 -25.10 9.10
N VAL A 100 14.47 -26.04 8.62
CA VAL A 100 13.34 -25.71 7.74
C VAL A 100 12.14 -26.55 8.13
N GLY A 101 10.99 -25.90 8.24
CA GLY A 101 9.77 -26.64 8.60
C GLY A 101 8.52 -25.95 8.11
N TYR A 102 7.37 -26.53 8.43
CA TYR A 102 6.11 -25.94 8.05
C TYR A 102 5.04 -26.18 9.08
N GLY A 103 4.03 -25.32 9.07
CA GLY A 103 2.84 -25.48 9.89
C GLY A 103 1.67 -24.90 9.14
N ARG A 104 0.50 -24.87 9.80
CA ARG A 104 -0.70 -24.36 9.16
C ARG A 104 -1.07 -23.01 9.73
N LEU A 105 -1.26 -22.02 8.86
CA LEU A 105 -1.68 -20.70 9.30
C LEU A 105 -3.18 -20.70 9.61
N SER A 106 -3.53 -20.32 10.84
CA SER A 106 -4.95 -20.29 11.22
C SER A 106 -5.74 -19.32 10.35
N ASP A 107 -7.04 -19.60 10.21
CA ASP A 107 -7.96 -18.75 9.46
CA ASP A 107 -7.88 -18.74 9.41
C ASP A 107 -7.92 -17.30 9.95
N ASP A 108 -7.79 -17.15 11.27
CA ASP A 108 -7.81 -15.81 11.87
C ASP A 108 -6.44 -15.12 11.96
N LEU A 109 -5.42 -15.79 11.42
CA LEU A 109 -4.07 -15.24 11.29
C LEU A 109 -3.33 -15.01 12.61
N SER A 110 -3.83 -15.60 13.70
CA SER A 110 -3.22 -15.42 15.01
C SER A 110 -2.15 -16.46 15.34
N LYS A 111 -2.14 -17.57 14.61
CA LYS A 111 -1.28 -18.68 14.99
CA LYS A 111 -1.28 -18.68 14.99
C LYS A 111 -0.85 -19.59 13.84
N VAL A 112 0.28 -20.26 14.04
CA VAL A 112 0.74 -21.32 13.16
C VAL A 112 0.53 -22.59 13.97
N THR A 113 -0.14 -23.57 13.38
CA THR A 113 -0.45 -24.80 14.13
C THR A 113 0.36 -26.00 13.64
N ASP A 114 0.69 -26.87 14.59
CA ASP A 114 1.40 -28.13 14.33
C ASP A 114 2.70 -27.94 13.55
N PHE A 115 3.40 -26.85 13.81
CA PHE A 115 4.70 -26.67 13.15
C PHE A 115 5.61 -27.87 13.36
N ARG A 116 6.29 -28.29 12.30
CA ARG A 116 7.26 -29.39 12.38
CA ARG A 116 7.29 -29.36 12.42
CA ARG A 116 7.26 -29.38 12.38
C ARG A 116 8.51 -29.06 11.56
N THR A 117 9.67 -29.43 12.08
CA THR A 117 10.91 -29.22 11.35
C THR A 117 11.19 -30.48 10.53
N VAL A 118 11.28 -30.29 9.21
CA VAL A 118 11.44 -31.41 8.29
C VAL A 118 12.83 -31.55 7.68
N PHE A 119 13.65 -30.50 7.76
CA PHE A 119 14.97 -30.54 7.17
C PHE A 119 15.94 -29.73 8.02
N ARG A 120 17.12 -30.30 8.22
CA ARG A 120 18.20 -29.61 8.94
C ARG A 120 19.53 -29.70 8.21
N GLN A 121 20.17 -28.54 8.07
CA GLN A 121 21.56 -28.50 7.67
C GLN A 121 22.39 -29.24 8.72
N MSE A 122 23.11 -30.26 8.28
CA MSE A 122 23.99 -31.01 9.17
C MSE A 122 25.32 -31.23 8.44
O MSE A 122 25.32 -31.44 7.24
CB MSE A 122 23.38 -32.35 9.58
CG MSE A 122 22.11 -32.23 10.39
SE MSE A 122 22.43 -31.44 12.14
CE MSE A 122 23.00 -33.01 13.08
N PRO A 123 26.44 -31.16 9.18
CA PRO A 123 26.54 -30.82 10.60
C PRO A 123 26.23 -29.35 10.84
N LYS A 124 26.12 -28.97 12.11
CA LYS A 124 25.90 -27.59 12.48
C LYS A 124 27.26 -26.97 12.78
N LEU A 125 27.72 -26.09 11.89
CA LEU A 125 29.08 -25.56 11.99
C LEU A 125 29.18 -24.05 12.20
N SER A 126 28.04 -23.36 12.19
CA SER A 126 28.08 -21.90 12.28
C SER A 126 28.28 -21.37 13.70
N THR A 127 29.10 -20.33 13.82
CA THR A 127 29.18 -19.55 15.06
C THR A 127 28.45 -18.22 14.92
N GLY A 128 27.73 -18.06 13.82
CA GLY A 128 26.93 -16.85 13.60
C GLY A 128 26.79 -16.44 12.16
N ASN A 129 27.64 -16.98 11.29
CA ASN A 129 27.63 -16.57 9.88
C ASN A 129 27.24 -17.65 8.90
N HIS A 130 26.71 -17.21 7.76
CA HIS A 130 26.52 -18.04 6.56
C HIS A 130 25.54 -19.19 6.71
N PHE A 131 24.29 -18.83 6.99
CA PHE A 131 23.18 -19.77 7.07
C PHE A 131 22.47 -19.95 5.73
N GLY A 132 22.57 -18.98 4.82
CA GLY A 132 21.64 -18.94 3.69
C GLY A 132 20.23 -18.74 4.26
N GLY A 133 19.28 -19.57 3.82
CA GLY A 133 17.96 -19.58 4.44
C GLY A 133 16.77 -19.43 3.52
N ARG A 134 17.00 -18.94 2.30
CA ARG A 134 15.89 -18.73 1.37
C ARG A 134 15.25 -20.04 0.93
N LEU A 135 13.92 -20.04 0.89
CA LEU A 135 13.12 -21.16 0.39
C LEU A 135 12.40 -20.72 -0.85
N VAL A 136 12.47 -21.52 -1.91
CA VAL A 136 11.70 -21.22 -3.12
C VAL A 136 11.03 -22.47 -3.67
N PHE A 137 9.71 -22.42 -3.85
CA PHE A 137 8.98 -23.49 -4.54
C PHE A 137 9.08 -23.28 -6.05
N ASP A 138 9.37 -24.34 -6.80
CA ASP A 138 9.50 -24.19 -8.25
C ASP A 138 8.16 -24.25 -8.99
N GLY A 139 7.10 -24.61 -8.27
CA GLY A 139 5.76 -24.65 -8.86
C GLY A 139 5.46 -25.92 -9.63
N LYS A 140 6.37 -26.88 -9.56
CA LYS A 140 6.17 -28.15 -10.26
CA LYS A 140 6.17 -28.15 -10.26
C LYS A 140 6.61 -29.35 -9.42
N GLY A 141 6.41 -29.23 -8.12
CA GLY A 141 6.58 -30.37 -7.24
C GLY A 141 7.70 -30.30 -6.24
N TYR A 142 8.49 -29.23 -6.30
CA TYR A 142 9.75 -29.19 -5.54
C TYR A 142 9.98 -27.92 -4.74
N LEU A 143 10.88 -28.04 -3.75
CA LEU A 143 11.25 -26.95 -2.89
C LEU A 143 12.76 -26.85 -2.89
N PHE A 144 13.26 -25.66 -3.21
CA PHE A 144 14.69 -25.38 -3.18
C PHE A 144 15.06 -24.63 -1.90
N ILE A 145 16.18 -25.04 -1.31
CA ILE A 145 16.62 -24.49 -0.03
C ILE A 145 18.08 -24.06 -0.16
N ALA A 146 18.35 -22.77 0.10
CA ALA A 146 19.67 -22.17 -0.03
C ALA A 146 20.45 -22.29 1.27
N LEU A 147 21.62 -22.92 1.23
CA LEU A 147 22.43 -23.10 2.45
C LEU A 147 23.84 -22.54 2.32
N GLY A 148 24.18 -21.62 3.21
CA GLY A 148 25.55 -21.11 3.34
C GLY A 148 26.49 -22.16 3.92
N GLU A 149 27.81 -21.92 3.81
CA GLU A 149 28.79 -22.89 4.33
C GLU A 149 29.23 -22.62 5.77
N ASN A 150 28.42 -21.84 6.50
CA ASN A 150 28.63 -21.63 7.94
C ASN A 150 29.97 -20.96 8.26
N ASN A 151 30.59 -20.38 7.23
CA ASN A 151 31.92 -19.74 7.32
C ASN A 151 33.06 -20.75 7.49
N GLN A 152 32.81 -21.98 7.03
CA GLN A 152 33.84 -23.03 6.93
C GLN A 152 34.05 -23.29 5.45
N ARG A 153 34.94 -22.50 4.84
CA ARG A 153 35.03 -22.41 3.38
CA ARG A 153 35.02 -22.40 3.38
C ARG A 153 35.08 -23.75 2.64
N PRO A 154 36.02 -24.64 3.01
CA PRO A 154 36.18 -25.87 2.23
C PRO A 154 34.97 -26.80 2.19
N THR A 155 34.10 -26.69 3.19
CA THR A 155 32.97 -27.61 3.33
C THR A 155 31.98 -27.48 2.18
N ALA A 156 32.01 -26.34 1.47
CA ALA A 156 31.11 -26.15 0.34
C ALA A 156 31.35 -27.20 -0.76
N GLN A 157 32.58 -27.72 -0.84
CA GLN A 157 32.93 -28.73 -1.84
C GLN A 157 32.63 -30.17 -1.38
N ASP A 158 32.35 -30.35 -0.10
CA ASP A 158 32.20 -31.69 0.49
C ASP A 158 30.77 -32.17 0.32
N LEU A 159 30.58 -33.25 -0.45
CA LEU A 159 29.22 -33.75 -0.72
C LEU A 159 28.58 -34.47 0.47
N ASP A 160 29.37 -34.78 1.50
CA ASP A 160 28.85 -35.38 2.73
C ASP A 160 28.32 -34.34 3.74
N LYS A 161 28.44 -33.06 3.39
CA LYS A 161 28.07 -31.95 4.28
C LYS A 161 27.07 -31.02 3.62
N LEU A 162 26.16 -30.47 4.41
CA LEU A 162 25.11 -29.62 3.84
C LEU A 162 25.47 -28.12 3.88
N GLN A 163 26.77 -27.84 4.03
CA GLN A 163 27.32 -26.48 3.94
C GLN A 163 27.50 -26.06 2.49
N GLY A 164 27.09 -24.85 2.14
CA GLY A 164 27.37 -24.32 0.79
C GLY A 164 26.71 -25.13 -0.31
N LYS A 165 25.46 -25.51 -0.07
CA LYS A 165 24.69 -26.38 -0.96
C LYS A 165 23.39 -25.69 -1.30
N LEU A 166 22.93 -25.92 -2.53
CA LEU A 166 21.54 -25.73 -2.86
C LEU A 166 20.88 -27.09 -2.73
N VAL A 167 19.86 -27.18 -1.89
CA VAL A 167 19.13 -28.43 -1.64
C VAL A 167 17.83 -28.43 -2.45
N ARG A 168 17.43 -29.60 -2.96
CA ARG A 168 16.11 -29.75 -3.57
C ARG A 168 15.37 -30.87 -2.86
N LEU A 169 14.22 -30.53 -2.30
CA LEU A 169 13.30 -31.52 -1.73
C LEU A 169 12.04 -31.53 -2.56
N THR A 170 11.18 -32.53 -2.37
CA THR A 170 9.83 -32.42 -2.91
C THR A 170 9.12 -31.31 -2.13
N ASP A 171 7.97 -30.88 -2.65
CA ASP A 171 7.22 -29.83 -1.97
C ASP A 171 6.61 -30.28 -0.64
N GLN A 172 6.85 -31.54 -0.26
CA GLN A 172 6.46 -32.08 1.05
C GLN A 172 7.65 -32.24 1.99
N GLY A 173 8.85 -31.94 1.49
CA GLY A 173 10.06 -32.06 2.27
C GLY A 173 10.73 -33.43 2.22
N GLU A 174 10.34 -34.24 1.24
CA GLU A 174 10.93 -35.56 1.04
CA GLU A 174 10.93 -35.56 1.04
C GLU A 174 12.10 -35.48 0.06
N ILE A 175 12.94 -36.51 0.05
CA ILE A 175 14.04 -36.58 -0.90
C ILE A 175 13.57 -37.12 -2.25
N PRO A 176 13.71 -36.31 -3.32
CA PRO A 176 13.32 -36.79 -4.65
C PRO A 176 14.14 -38.00 -5.12
N ASP A 177 13.47 -38.95 -5.77
CA ASP A 177 14.14 -40.16 -6.26
CA ASP A 177 14.12 -40.17 -6.28
C ASP A 177 15.10 -39.89 -7.43
N ASP A 178 15.02 -38.69 -8.00
CA ASP A 178 15.88 -38.33 -9.14
C ASP A 178 16.93 -37.25 -8.80
N ASN A 179 17.13 -36.97 -7.51
CA ASN A 179 18.23 -36.07 -7.11
C ASN A 179 19.59 -36.64 -7.54
N PRO A 180 20.55 -35.76 -7.86
CA PRO A 180 21.77 -36.18 -8.58
C PRO A 180 22.67 -37.15 -7.82
N PHE A 181 22.70 -37.04 -6.49
CA PHE A 181 23.66 -37.79 -5.67
C PHE A 181 23.03 -38.90 -4.83
N ILE A 182 21.82 -39.30 -5.19
CA ILE A 182 21.06 -40.32 -4.45
C ILE A 182 21.78 -41.68 -4.41
N LYS A 183 22.59 -41.96 -5.44
CA LYS A 183 23.33 -43.22 -5.55
CA LYS A 183 23.32 -43.23 -5.54
C LYS A 183 24.82 -43.04 -5.29
N GLU A 184 25.22 -41.82 -4.92
CA GLU A 184 26.62 -41.52 -4.66
CA GLU A 184 26.62 -41.51 -4.66
C GLU A 184 26.98 -41.78 -3.20
N SER A 185 27.85 -42.77 -2.99
CA SER A 185 28.27 -43.18 -1.65
CA SER A 185 28.27 -43.18 -1.65
C SER A 185 28.84 -42.01 -0.85
N GLY A 186 28.33 -41.85 0.37
CA GLY A 186 28.80 -40.82 1.26
C GLY A 186 28.10 -39.48 1.11
N VAL A 187 27.50 -39.24 -0.06
CA VAL A 187 26.91 -37.93 -0.38
C VAL A 187 25.53 -37.76 0.24
N ARG A 188 25.18 -36.51 0.56
CA ARG A 188 23.84 -36.21 1.05
C ARG A 188 22.87 -36.12 -0.13
N ALA A 189 21.84 -36.97 -0.12
CA ALA A 189 20.89 -37.08 -1.21
C ALA A 189 20.08 -35.82 -1.45
N GLU A 190 20.04 -34.93 -0.44
CA GLU A 190 19.27 -33.68 -0.53
C GLU A 190 19.90 -32.67 -1.50
N ILE A 191 21.17 -32.86 -1.84
CA ILE A 191 21.94 -31.88 -2.62
C ILE A 191 21.53 -31.80 -4.08
N TRP A 192 21.30 -30.57 -4.56
CA TRP A 192 21.07 -30.29 -5.96
C TRP A 192 22.33 -29.69 -6.60
N SER A 193 22.87 -28.64 -5.99
CA SER A 193 24.09 -28.00 -6.47
C SER A 193 25.00 -27.73 -5.28
N TYR A 194 26.29 -27.54 -5.55
CA TYR A 194 27.24 -27.28 -4.48
C TYR A 194 28.24 -26.21 -4.86
N GLY A 195 29.15 -25.86 -3.94
CA GLY A 195 30.14 -24.82 -4.22
C GLY A 195 29.58 -23.41 -4.17
N ILE A 196 28.70 -23.19 -3.21
CA ILE A 196 28.20 -21.83 -2.98
CA ILE A 196 28.10 -21.88 -2.94
C ILE A 196 28.65 -21.38 -1.59
N ARG A 197 28.80 -20.07 -1.43
CA ARG A 197 29.37 -19.47 -0.22
C ARG A 197 28.27 -19.11 0.78
N ASN A 198 27.61 -17.98 0.57
CA ASN A 198 26.45 -17.60 1.36
C ASN A 198 25.35 -17.07 0.47
N PRO A 199 24.41 -17.95 0.06
CA PRO A 199 23.35 -17.53 -0.85
C PRO A 199 22.38 -16.67 -0.06
N GLN A 200 21.84 -15.65 -0.71
CA GLN A 200 20.91 -14.76 -0.05
C GLN A 200 19.57 -14.76 -0.81
N GLY A 201 19.45 -13.95 -1.84
CA GLY A 201 18.25 -13.98 -2.65
C GLY A 201 18.15 -15.18 -3.59
N MSE A 202 16.93 -15.63 -3.80
CA MSE A 202 16.63 -16.63 -4.82
CA MSE A 202 16.63 -16.66 -4.79
C MSE A 202 15.24 -16.37 -5.34
O MSE A 202 14.38 -15.86 -4.61
CB MSE A 202 16.64 -18.07 -4.27
CB MSE A 202 16.70 -18.03 -4.13
CG MSE A 202 17.92 -18.54 -3.66
CG MSE A 202 16.85 -19.21 -5.07
SE MSE A 202 18.11 -20.47 -3.81
SE MSE A 202 17.50 -20.83 -4.16
CE MSE A 202 16.51 -21.07 -2.81
CE MSE A 202 18.98 -20.08 -3.26
N ALA A 203 15.02 -16.70 -6.61
CA ALA A 203 13.67 -16.54 -7.21
C ALA A 203 13.56 -17.32 -8.50
N MSE A 204 12.35 -17.71 -8.84
CA MSE A 204 12.08 -18.33 -10.13
C MSE A 204 12.00 -17.26 -11.21
O MSE A 204 11.21 -16.32 -11.11
CB MSE A 204 10.75 -19.13 -10.11
CG MSE A 204 10.75 -20.33 -9.17
SE MSE A 204 12.10 -21.66 -9.57
CE MSE A 204 11.42 -22.25 -11.28
N ASN A 205 12.83 -17.40 -12.24
CA ASN A 205 12.76 -16.54 -13.41
C ASN A 205 11.47 -16.92 -14.16
N PRO A 206 10.53 -15.96 -14.30
CA PRO A 206 9.24 -16.28 -14.91
C PRO A 206 9.28 -16.43 -16.43
N TRP A 207 10.41 -16.07 -17.05
CA TRP A 207 10.56 -16.17 -18.51
C TRP A 207 11.27 -17.45 -18.94
N SER A 208 12.10 -17.98 -18.04
CA SER A 208 12.77 -19.25 -18.32
C SER A 208 12.27 -20.40 -17.45
N ASN A 209 11.43 -20.07 -16.47
CA ASN A 209 10.93 -21.03 -15.49
CA ASN A 209 10.91 -21.06 -15.52
C ASN A 209 12.07 -21.81 -14.86
N ALA A 210 13.07 -21.06 -14.44
CA ALA A 210 14.27 -21.64 -13.85
C ALA A 210 14.70 -20.84 -12.64
N LEU A 211 15.27 -21.54 -11.67
CA LEU A 211 15.74 -20.89 -10.44
C LEU A 211 16.99 -20.06 -10.70
N TRP A 212 16.99 -18.83 -10.18
CA TRP A 212 18.20 -18.01 -10.08
C TRP A 212 18.51 -17.75 -8.62
N LEU A 213 19.80 -17.67 -8.28
CA LEU A 213 20.17 -17.31 -6.92
C LEU A 213 21.28 -16.31 -6.91
N ASN A 214 21.44 -15.65 -5.77
CA ASN A 214 22.61 -14.80 -5.58
C ASN A 214 23.35 -15.15 -4.30
N GLU A 215 24.58 -14.68 -4.21
CA GLU A 215 25.39 -14.99 -3.04
C GLU A 215 26.40 -13.91 -2.72
N HIS A 216 26.74 -13.79 -1.44
CA HIS A 216 27.79 -12.90 -1.01
C HIS A 216 29.16 -13.49 -1.26
N GLY A 217 30.03 -12.69 -1.86
CA GLY A 217 31.45 -13.00 -1.90
C GLY A 217 32.10 -12.49 -0.64
N PRO A 218 33.40 -12.78 -0.46
CA PRO A 218 34.20 -12.29 0.67
C PRO A 218 34.48 -10.79 0.46
N ARG A 219 35.72 -10.41 0.19
CA ARG A 219 36.00 -9.03 -0.20
CA ARG A 219 35.99 -9.03 -0.21
C ARG A 219 35.80 -8.97 -1.72
N GLY A 220 34.60 -8.57 -2.12
CA GLY A 220 34.21 -8.64 -3.51
C GLY A 220 33.73 -10.02 -3.92
N GLY A 221 33.19 -10.12 -5.13
CA GLY A 221 32.88 -11.41 -5.72
C GLY A 221 31.46 -11.89 -5.50
N ASP A 222 30.54 -10.98 -5.15
CA ASP A 222 29.12 -11.36 -5.12
C ASP A 222 28.73 -11.89 -6.50
N GLU A 223 27.76 -12.81 -6.53
CA GLU A 223 27.37 -13.50 -7.77
C GLU A 223 25.88 -13.64 -7.94
N ILE A 224 25.45 -13.73 -9.20
CA ILE A 224 24.18 -14.33 -9.58
C ILE A 224 24.50 -15.62 -10.33
N ASN A 225 23.92 -16.72 -9.86
CA ASN A 225 24.05 -18.01 -10.54
C ASN A 225 22.69 -18.53 -11.01
N ILE A 226 22.73 -19.36 -12.05
CA ILE A 226 21.57 -20.13 -12.51
C ILE A 226 21.88 -21.61 -12.26
N PRO A 227 21.57 -22.08 -11.04
CA PRO A 227 22.10 -23.37 -10.61
C PRO A 227 21.48 -24.57 -11.34
N GLN A 228 22.34 -25.51 -11.72
CA GLN A 228 21.88 -26.68 -12.44
CA GLN A 228 21.95 -26.70 -12.47
C GLN A 228 22.14 -27.97 -11.65
N LYS A 229 21.36 -28.99 -11.97
CA LYS A 229 21.43 -30.28 -11.31
C LYS A 229 22.84 -30.85 -11.29
N GLY A 230 23.34 -31.09 -10.07
CA GLY A 230 24.60 -31.77 -9.82
C GLY A 230 25.85 -30.96 -10.06
N LYS A 231 25.69 -29.66 -10.31
CA LYS A 231 26.84 -28.83 -10.72
CA LYS A 231 26.84 -28.85 -10.70
C LYS A 231 27.50 -28.11 -9.55
N ASN A 232 28.78 -27.80 -9.74
CA ASN A 232 29.66 -27.18 -8.77
C ASN A 232 29.87 -25.70 -9.14
N TYR A 233 29.43 -24.81 -8.27
CA TYR A 233 29.56 -23.35 -8.49
C TYR A 233 30.87 -22.77 -7.96
N GLY A 234 31.76 -23.67 -7.54
CA GLY A 234 33.17 -23.31 -7.40
C GLY A 234 33.72 -22.96 -6.03
N TRP A 235 32.88 -22.41 -5.14
CA TRP A 235 33.41 -21.90 -3.87
C TRP A 235 33.97 -23.04 -3.02
N PRO A 236 35.19 -22.87 -2.44
CA PRO A 236 36.13 -21.74 -2.48
C PRO A 236 37.31 -21.95 -3.43
N LEU A 237 37.23 -22.96 -4.29
CA LEU A 237 38.24 -23.20 -5.32
C LEU A 237 38.26 -22.11 -6.39
N ALA A 238 37.07 -21.57 -6.69
CA ALA A 238 36.92 -20.51 -7.69
C ALA A 238 36.21 -19.35 -7.01
N THR A 239 36.76 -18.14 -7.19
CA THR A 239 36.11 -16.95 -6.66
C THR A 239 36.51 -15.71 -7.45
N TRP A 240 35.56 -14.77 -7.56
CA TRP A 240 35.85 -13.45 -8.10
C TRP A 240 36.19 -12.45 -7.02
N GLY A 241 36.26 -12.90 -5.77
CA GLY A 241 36.62 -12.04 -4.66
C GLY A 241 38.00 -12.39 -4.11
N ILE A 242 38.39 -11.64 -3.09
CA ILE A 242 39.64 -11.91 -2.37
C ILE A 242 39.33 -11.99 -0.87
N ASN A 243 40.32 -12.35 -0.07
CA ASN A 243 40.11 -12.34 1.38
C ASN A 243 40.04 -10.89 1.86
N TYR A 244 39.47 -10.67 3.04
CA TYR A 244 39.28 -9.31 3.57
C TYR A 244 40.60 -8.55 3.76
N SER A 245 41.68 -9.30 3.99
CA SER A 245 43.04 -8.76 4.11
C SER A 245 43.52 -8.07 2.82
N GLY A 246 42.93 -8.46 1.69
CA GLY A 246 43.39 -7.99 0.39
C GLY A 246 44.17 -9.08 -0.34
N PHE A 247 44.46 -10.17 0.37
CA PHE A 247 45.19 -11.30 -0.21
C PHE A 247 44.18 -12.35 -0.66
N LYS A 248 44.62 -13.28 -1.52
CA LYS A 248 43.72 -14.30 -2.06
C LYS A 248 43.12 -15.19 -0.98
N ILE A 249 41.90 -15.66 -1.24
CA ILE A 249 41.29 -16.74 -0.46
C ILE A 249 42.24 -17.95 -0.55
N PRO A 250 42.68 -18.50 0.62
CA PRO A 250 43.74 -19.53 0.53
C PRO A 250 43.43 -20.76 -0.32
N GLU A 251 42.16 -21.17 -0.38
CA GLU A 251 41.77 -22.38 -1.11
C GLU A 251 41.63 -22.13 -2.60
N ALA A 252 41.57 -20.86 -2.99
CA ALA A 252 41.21 -20.50 -4.35
C ALA A 252 42.32 -20.82 -5.36
N LYS A 253 41.94 -21.46 -6.46
CA LYS A 253 42.85 -21.76 -7.56
CA LYS A 253 42.87 -21.74 -7.54
C LYS A 253 42.84 -20.65 -8.60
N GLY A 254 41.73 -19.91 -8.66
CA GLY A 254 41.60 -18.84 -9.63
C GLY A 254 40.17 -18.34 -9.72
N GLU A 255 39.92 -17.48 -10.70
CA GLU A 255 38.57 -16.97 -10.97
C GLU A 255 37.76 -17.96 -11.80
N ILE A 256 38.43 -18.58 -12.77
CA ILE A 256 37.82 -19.52 -13.69
C ILE A 256 38.56 -20.83 -13.51
N VAL A 257 37.83 -21.88 -13.18
CA VAL A 257 38.43 -23.15 -12.78
C VAL A 257 37.70 -24.29 -13.44
N ALA A 258 38.44 -25.11 -14.19
CA ALA A 258 37.83 -26.24 -14.87
C ALA A 258 37.04 -27.12 -13.91
N GLY A 259 35.86 -27.57 -14.35
CA GLY A 259 35.01 -28.43 -13.54
C GLY A 259 34.03 -27.67 -12.67
N THR A 260 34.10 -26.33 -12.74
CA THR A 260 33.20 -25.49 -11.96
C THR A 260 32.47 -24.50 -12.88
N GLU A 261 31.28 -24.11 -12.47
CA GLU A 261 30.39 -23.28 -13.27
C GLU A 261 30.53 -21.82 -12.89
N GLN A 262 30.57 -20.96 -13.92
CA GLN A 262 30.65 -19.52 -13.73
C GLN A 262 29.29 -18.90 -13.39
N PRO A 263 29.30 -17.77 -12.66
CA PRO A 263 28.07 -17.01 -12.46
C PRO A 263 27.68 -16.29 -13.74
N VAL A 264 26.42 -15.89 -13.85
CA VAL A 264 26.01 -15.08 -14.99
C VAL A 264 26.28 -13.59 -14.75
N PHE A 265 26.56 -13.22 -13.50
CA PHE A 265 26.98 -11.87 -13.16
C PHE A 265 27.81 -11.92 -11.89
N TYR A 266 28.83 -11.07 -11.81
CA TYR A 266 29.55 -10.91 -10.57
C TYR A 266 29.93 -9.45 -10.36
N TRP A 267 30.15 -9.10 -9.10
CA TRP A 267 30.61 -7.76 -8.74
C TRP A 267 31.93 -7.90 -8.01
N LYS A 268 33.00 -7.33 -8.56
CA LYS A 268 34.25 -7.25 -7.81
C LYS A 268 34.21 -6.29 -6.63
N ASP A 269 33.29 -5.33 -6.68
CA ASP A 269 32.96 -4.49 -5.54
C ASP A 269 31.59 -4.93 -5.03
N SER A 270 31.58 -5.68 -3.94
CA SER A 270 30.35 -6.33 -3.46
C SER A 270 29.27 -5.35 -2.97
N PRO A 271 28.05 -5.44 -3.54
CA PRO A 271 26.93 -4.72 -2.94
C PRO A 271 26.43 -5.36 -1.64
N ALA A 272 26.84 -6.60 -1.40
CA ALA A 272 26.26 -7.52 -0.40
C ALA A 272 24.79 -7.74 -0.78
N VAL A 273 24.63 -8.41 -1.91
CA VAL A 273 23.34 -8.64 -2.54
C VAL A 273 22.41 -9.41 -1.61
N SER A 274 21.12 -9.09 -1.68
CA SER A 274 20.15 -9.71 -0.77
C SER A 274 18.89 -10.19 -1.55
N GLY A 275 17.71 -10.01 -1.01
CA GLY A 275 16.50 -10.48 -1.67
C GLY A 275 16.36 -9.94 -3.09
N MSE A 276 15.84 -10.78 -3.99
CA MSE A 276 15.69 -10.40 -5.39
CA MSE A 276 15.71 -10.48 -5.43
C MSE A 276 14.29 -10.72 -5.90
O MSE A 276 13.62 -11.65 -5.42
CB MSE A 276 16.77 -11.06 -6.26
CB MSE A 276 16.51 -11.47 -6.26
CG MSE A 276 16.78 -12.60 -6.18
CG MSE A 276 17.94 -11.54 -6.03
SE MSE A 276 18.44 -13.53 -6.87
SE MSE A 276 18.56 -12.34 -7.59
CE MSE A 276 18.20 -13.24 -8.80
CE MSE A 276 18.07 -14.19 -7.33
N ALA A 277 13.84 -9.93 -6.87
CA ALA A 277 12.51 -10.10 -7.46
C ALA A 277 12.55 -9.78 -8.94
N PHE A 278 12.03 -10.70 -9.75
CA PHE A 278 11.81 -10.42 -11.17
C PHE A 278 10.51 -9.64 -11.32
N TYR A 279 10.46 -8.78 -12.34
CA TYR A 279 9.28 -7.96 -12.57
C TYR A 279 8.68 -8.28 -13.94
N ASN A 280 7.46 -8.82 -13.92
CA ASN A 280 6.81 -9.29 -15.15
CA ASN A 280 6.79 -9.36 -15.09
C ASN A 280 5.35 -8.83 -15.24
N SER A 281 5.08 -7.64 -14.69
CA SER A 281 3.73 -7.08 -14.66
C SER A 281 3.56 -5.91 -15.63
N ASP A 282 2.37 -5.78 -16.20
CA ASP A 282 2.04 -4.61 -17.02
C ASP A 282 1.61 -3.41 -16.18
N LYS A 283 1.57 -3.54 -14.85
CA LYS A 283 1.25 -2.38 -14.02
C LYS A 283 2.20 -1.21 -14.29
N PHE A 284 3.50 -1.51 -14.30
CA PHE A 284 4.52 -0.53 -14.62
C PHE A 284 5.35 -1.09 -15.76
N PRO A 285 4.89 -0.88 -17.00
CA PRO A 285 5.57 -1.49 -18.15
C PRO A 285 7.05 -1.14 -18.26
N GLN A 286 7.48 0.01 -17.75
CA GLN A 286 8.89 0.37 -17.80
CA GLN A 286 8.89 0.35 -17.83
C GLN A 286 9.77 -0.59 -16.98
N TRP A 287 9.14 -1.36 -16.08
CA TRP A 287 9.85 -2.30 -15.22
C TRP A 287 9.77 -3.73 -15.74
N GLN A 288 9.03 -3.95 -16.83
CA GLN A 288 9.00 -5.27 -17.45
C GLN A 288 10.41 -5.75 -17.81
N GLN A 289 10.64 -7.05 -17.63
CA GLN A 289 11.93 -7.68 -17.97
C GLN A 289 13.08 -7.17 -17.12
N LYS A 290 12.76 -6.81 -15.87
CA LYS A 290 13.77 -6.37 -14.91
CA LYS A 290 13.79 -6.39 -14.94
C LYS A 290 13.90 -7.32 -13.74
N LEU A 291 15.06 -7.25 -13.09
CA LEU A 291 15.34 -7.97 -11.86
C LEU A 291 15.83 -6.94 -10.85
N PHE A 292 15.23 -6.93 -9.67
CA PHE A 292 15.56 -5.97 -8.62
C PHE A 292 16.23 -6.72 -7.50
N ILE A 293 17.42 -6.26 -7.10
CA ILE A 293 18.22 -6.95 -6.09
C ILE A 293 18.59 -6.02 -4.95
N GLY A 294 18.27 -6.41 -3.72
CA GLY A 294 18.66 -5.61 -2.58
C GLY A 294 20.17 -5.58 -2.41
N ALA A 295 20.67 -4.48 -1.83
CA ALA A 295 22.08 -4.37 -1.49
C ALA A 295 22.19 -3.93 -0.03
N LEU A 296 22.76 -4.81 0.79
CA LEU A 296 22.93 -4.52 2.21
C LEU A 296 24.02 -3.48 2.46
N LYS A 297 25.17 -3.65 1.81
CA LYS A 297 26.32 -2.77 2.00
CA LYS A 297 26.30 -2.75 2.03
C LYS A 297 26.16 -1.43 1.27
N ASP A 298 25.70 -1.50 0.02
CA ASP A 298 25.47 -0.28 -0.77
C ASP A 298 24.22 0.48 -0.37
N LYS A 299 23.36 -0.18 0.44
CA LYS A 299 22.19 0.46 1.01
CA LYS A 299 22.19 0.47 1.03
C LYS A 299 21.25 0.99 -0.07
N ASP A 300 20.94 0.13 -1.03
CA ASP A 300 20.02 0.48 -2.11
C ASP A 300 19.54 -0.78 -2.84
N VAL A 301 18.81 -0.58 -3.93
CA VAL A 301 18.32 -1.66 -4.78
C VAL A 301 18.97 -1.56 -6.16
N ILE A 302 19.48 -2.68 -6.63
CA ILE A 302 20.06 -2.77 -7.96
C ILE A 302 18.97 -3.10 -8.97
N VAL A 303 18.89 -2.30 -10.04
CA VAL A 303 17.92 -2.52 -11.09
C VAL A 303 18.67 -3.13 -12.27
N MSE A 304 18.24 -4.31 -12.70
CA MSE A 304 18.95 -5.01 -13.77
CA MSE A 304 18.95 -5.09 -13.73
C MSE A 304 18.02 -5.39 -14.90
O MSE A 304 16.84 -5.65 -14.68
CB MSE A 304 19.64 -6.26 -13.23
CB MSE A 304 19.44 -6.43 -13.17
CG MSE A 304 20.46 -5.98 -11.98
CG MSE A 304 20.05 -6.39 -11.79
SE MSE A 304 21.53 -7.44 -11.45
SE MSE A 304 21.96 -6.03 -11.76
CE MSE A 304 23.00 -7.17 -12.75
CE MSE A 304 22.59 -7.73 -12.32
N SER A 305 18.58 -5.40 -16.11
CA SER A 305 17.84 -5.82 -17.31
C SER A 305 18.08 -7.31 -17.50
N VAL A 306 16.99 -8.09 -17.59
CA VAL A 306 17.10 -9.53 -17.79
C VAL A 306 16.93 -9.83 -19.27
N ASN A 307 17.86 -10.60 -19.82
CA ASN A 307 17.93 -10.86 -21.26
C ASN A 307 18.21 -12.35 -21.45
N GLY A 308 17.16 -13.17 -21.40
CA GLY A 308 17.35 -14.63 -21.39
C GLY A 308 18.14 -15.03 -20.16
N ASP A 309 19.27 -15.69 -20.38
CA ASP A 309 20.14 -16.13 -19.28
C ASP A 309 21.21 -15.09 -18.97
N LYS A 310 21.12 -13.93 -19.61
CA LYS A 310 22.03 -12.81 -19.36
C LYS A 310 21.37 -11.72 -18.55
N VAL A 311 22.20 -10.92 -17.88
CA VAL A 311 21.72 -9.82 -17.05
C VAL A 311 22.74 -8.68 -17.06
N THR A 312 22.25 -7.45 -17.12
CA THR A 312 23.11 -6.26 -17.06
C THR A 312 22.57 -5.29 -16.03
N GLU A 313 23.43 -4.42 -15.49
CA GLU A 313 23.01 -3.50 -14.44
C GLU A 313 22.56 -2.16 -15.04
N ASP A 314 21.30 -1.79 -14.82
CA ASP A 314 20.79 -0.50 -15.28
C ASP A 314 21.26 0.63 -14.38
N GLY A 315 21.26 0.36 -13.08
CA GLY A 315 21.59 1.39 -12.10
C GLY A 315 21.00 1.04 -10.75
N ARG A 316 20.88 2.06 -9.89
CA ARG A 316 20.45 1.88 -8.50
C ARG A 316 19.29 2.78 -8.17
N ILE A 317 18.43 2.30 -7.27
CA ILE A 317 17.34 3.10 -6.70
C ILE A 317 17.38 3.00 -5.17
N LEU A 318 16.74 3.96 -4.50
CA LEU A 318 16.68 4.04 -3.02
C LEU A 318 17.99 4.45 -2.34
N THR A 319 19.03 4.75 -3.11
CA THR A 319 20.32 5.12 -2.54
C THR A 319 20.22 6.34 -1.62
N ASP A 320 19.34 7.27 -1.96
CA ASP A 320 19.22 8.49 -1.14
C ASP A 320 18.61 8.28 0.25
N ARG A 321 18.03 7.09 0.50
CA ARG A 321 17.39 6.84 1.79
C ARG A 321 18.37 6.34 2.86
N GLY A 322 19.53 5.85 2.43
CA GLY A 322 20.59 5.45 3.33
C GLY A 322 20.33 4.22 4.19
N GLN A 323 19.40 3.36 3.74
CA GLN A 323 19.03 2.17 4.49
C GLN A 323 19.55 0.89 3.84
N ARG A 324 20.11 0.01 4.67
CA ARG A 324 20.49 -1.33 4.21
C ARG A 324 19.24 -2.04 3.70
N ILE A 325 19.33 -2.70 2.54
CA ILE A 325 18.16 -3.37 1.97
C ILE A 325 18.28 -4.89 2.14
N ARG A 326 17.26 -5.47 2.78
CA ARG A 326 17.24 -6.89 3.09
C ARG A 326 16.45 -7.74 2.09
N ASP A 327 15.26 -7.28 1.71
CA ASP A 327 14.41 -8.11 0.83
C ASP A 327 13.69 -7.24 -0.16
N VAL A 328 13.39 -7.83 -1.31
CA VAL A 328 12.70 -7.16 -2.41
C VAL A 328 11.75 -8.19 -3.01
N ARG A 329 10.48 -7.78 -3.17
CA ARG A 329 9.45 -8.66 -3.72
CA ARG A 329 9.42 -8.67 -3.67
C ARG A 329 8.53 -7.92 -4.66
N THR A 330 8.11 -8.62 -5.70
CA THR A 330 7.12 -8.05 -6.61
C THR A 330 5.75 -8.48 -6.13
N GLY A 331 4.91 -7.50 -5.81
CA GLY A 331 3.59 -7.78 -5.29
C GLY A 331 2.59 -8.19 -6.35
N PRO A 332 1.47 -8.83 -5.93
CA PRO A 332 0.42 -9.21 -6.87
CA PRO A 332 0.41 -9.21 -6.87
C PRO A 332 -0.23 -7.98 -7.53
N ASP A 333 -0.06 -6.82 -6.90
CA ASP A 333 -0.55 -5.54 -7.42
C ASP A 333 0.42 -4.86 -8.40
N GLY A 334 1.57 -5.47 -8.62
CA GLY A 334 2.57 -4.91 -9.54
C GLY A 334 3.44 -3.82 -8.95
N TYR A 335 3.40 -3.67 -7.62
CA TYR A 335 4.32 -2.79 -6.93
C TYR A 335 5.51 -3.59 -6.40
N LEU A 336 6.63 -2.91 -6.16
CA LEU A 336 7.76 -3.53 -5.49
C LEU A 336 7.63 -3.30 -4.00
N TYR A 337 7.88 -4.35 -3.21
CA TYR A 337 7.85 -4.28 -1.75
C TYR A 337 9.24 -4.54 -1.22
N VAL A 338 9.68 -3.70 -0.30
CA VAL A 338 11.08 -3.70 0.14
C VAL A 338 11.15 -3.71 1.65
N LEU A 339 12.03 -4.56 2.20
CA LEU A 339 12.30 -4.59 3.64
C LEU A 339 13.73 -4.15 3.88
N THR A 340 13.91 -3.26 4.86
CA THR A 340 15.24 -2.78 5.18
C THR A 340 15.85 -3.52 6.38
N ASP A 341 17.18 -3.62 6.38
CA ASP A 341 17.92 -4.41 7.38
C ASP A 341 18.45 -3.49 8.47
N GLU A 342 17.53 -3.00 9.30
CA GLU A 342 17.84 -2.01 10.33
C GLU A 342 17.09 -2.32 11.64
N SER A 343 17.60 -1.79 12.76
CA SER A 343 16.94 -1.91 14.05
CA SER A 343 16.93 -1.94 14.05
C SER A 343 15.58 -1.24 14.01
N SER A 344 15.53 -0.08 13.34
CA SER A 344 14.26 0.59 13.06
CA SER A 344 14.27 0.60 13.05
C SER A 344 13.98 0.47 11.56
N GLY A 345 13.77 -0.77 11.13
CA GLY A 345 13.55 -1.10 9.73
C GLY A 345 12.17 -0.73 9.21
N GLU A 346 12.02 -0.84 7.90
CA GLU A 346 10.81 -0.40 7.21
C GLU A 346 10.34 -1.42 6.20
N LEU A 347 9.03 -1.45 5.98
CA LEU A 347 8.40 -2.05 4.82
C LEU A 347 8.02 -0.91 3.90
N LEU A 348 8.56 -0.95 2.67
CA LEU A 348 8.37 0.11 1.70
C LEU A 348 7.61 -0.41 0.49
N LYS A 349 6.75 0.45 -0.06
CA LYS A 349 6.03 0.17 -1.30
C LYS A 349 6.58 1.12 -2.35
N VAL A 350 7.14 0.56 -3.42
CA VAL A 350 7.97 1.32 -4.35
C VAL A 350 7.42 1.22 -5.77
N SER A 351 7.44 2.34 -6.49
CA SER A 351 6.97 2.39 -7.87
C SER A 351 7.77 3.43 -8.67
N PRO A 352 7.83 3.27 -10.00
CA PRO A 352 8.60 4.23 -10.81
C PRO A 352 7.83 5.51 -11.09
N ARG A 353 8.56 6.59 -11.35
CA ARG A 353 7.96 7.89 -11.69
CA ARG A 353 7.95 7.87 -11.70
C ARG A 353 7.79 8.06 -13.21
N THR B 7 -30.91 32.41 -16.26
CA THR B 7 -30.42 33.68 -15.65
C THR B 7 -28.91 33.72 -15.58
N VAL B 8 -28.26 32.66 -16.06
CA VAL B 8 -26.80 32.62 -16.02
C VAL B 8 -26.14 32.35 -17.36
N ASN B 9 -24.92 32.83 -17.47
CA ASN B 9 -24.05 32.54 -18.60
C ASN B 9 -23.26 31.28 -18.30
N VAL B 10 -23.13 30.42 -19.30
CA VAL B 10 -22.41 29.16 -19.11
C VAL B 10 -21.45 28.98 -20.28
N GLU B 11 -20.17 28.79 -19.95
CA GLU B 11 -19.14 28.45 -20.95
C GLU B 11 -18.65 27.04 -20.66
N VAL B 12 -18.68 26.18 -21.68
CA VAL B 12 -18.14 24.82 -21.54
C VAL B 12 -16.63 24.89 -21.75
N LEU B 13 -15.87 24.69 -20.68
CA LEU B 13 -14.40 24.76 -20.75
C LEU B 13 -13.78 23.48 -21.27
N GLN B 14 -14.40 22.36 -20.88
CA GLN B 14 -13.93 21.03 -21.26
C GLN B 14 -15.11 20.08 -21.29
N ASP B 15 -15.22 19.28 -22.35
CA ASP B 15 -16.25 18.26 -22.42
C ASP B 15 -15.63 16.85 -22.36
N LYS B 16 -16.49 15.85 -22.54
N LYS B 16 -16.48 15.84 -22.51
CA LYS B 16 -16.10 14.44 -22.55
CA LYS B 16 -16.06 14.42 -22.58
C LYS B 16 -15.23 14.07 -21.34
C LYS B 16 -15.38 13.89 -21.31
N LEU B 17 -15.68 14.50 -20.17
CA LEU B 17 -15.07 14.08 -18.90
C LEU B 17 -15.83 12.91 -18.31
N ASP B 18 -15.14 11.79 -18.15
CA ASP B 18 -15.76 10.59 -17.62
C ASP B 18 -15.90 10.66 -16.09
N HIS B 19 -17.10 11.07 -15.66
CA HIS B 19 -17.43 11.18 -14.23
CA HIS B 19 -17.43 11.16 -14.23
C HIS B 19 -16.39 11.93 -13.39
N PRO B 20 -16.20 13.23 -13.69
CA PRO B 20 -15.30 14.01 -12.85
C PRO B 20 -15.89 14.10 -11.45
N TRP B 21 -15.05 14.20 -10.42
CA TRP B 21 -15.58 14.28 -9.06
C TRP B 21 -15.24 15.59 -8.36
N ALA B 22 -14.03 16.09 -8.60
CA ALA B 22 -13.54 17.28 -7.90
C ALA B 22 -12.53 18.04 -8.74
N LEU B 23 -12.33 19.30 -8.40
CA LEU B 23 -11.28 20.10 -9.03
C LEU B 23 -10.49 20.88 -8.00
N ALA B 24 -9.24 21.18 -8.33
CA ALA B 24 -8.41 22.04 -7.51
C ALA B 24 -7.77 23.08 -8.40
N PHE B 25 -7.88 24.34 -8.00
CA PHE B 25 -7.27 25.44 -8.75
C PHE B 25 -5.79 25.51 -8.42
N LEU B 26 -4.96 25.52 -9.46
CA LEU B 26 -3.53 25.74 -9.28
C LEU B 26 -3.24 27.24 -9.23
N PRO B 27 -2.28 27.64 -8.39
CA PRO B 27 -1.98 29.07 -8.27
C PRO B 27 -1.35 29.66 -9.53
N ASP B 28 -1.30 30.99 -9.60
CA ASP B 28 -0.61 31.72 -10.66
CA ASP B 28 -0.61 31.71 -10.67
C ASP B 28 -1.10 31.35 -12.07
N ASN B 29 -2.42 31.16 -12.21
CA ASN B 29 -3.04 30.93 -13.52
CA ASN B 29 -3.06 30.93 -13.50
C ASN B 29 -2.55 29.69 -14.24
N HIS B 30 -2.17 28.66 -13.48
CA HIS B 30 -1.68 27.41 -14.05
CA HIS B 30 -1.68 27.41 -14.07
C HIS B 30 -2.81 26.41 -14.36
N GLY B 31 -4.05 26.85 -14.24
CA GLY B 31 -5.17 25.98 -14.57
C GLY B 31 -5.65 25.20 -13.36
N MSE B 32 -6.05 23.95 -13.58
N MSE B 32 -6.08 23.97 -13.61
CA MSE B 32 -6.71 23.15 -12.51
CA MSE B 32 -6.75 23.13 -12.58
C MSE B 32 -6.56 21.61 -12.68
C MSE B 32 -6.23 21.65 -12.62
O MSE B 32 -6.51 21.09 -13.82
O MSE B 32 -5.63 21.21 -13.63
CB MSE B 32 -8.20 23.49 -12.41
CB MSE B 32 -8.30 23.14 -12.78
CG MSE B 32 -8.96 23.03 -13.63
CG MSE B 32 -9.07 24.29 -12.12
SE MSE B 32 -10.68 23.23 -13.40
SE MSE B 32 -10.65 24.81 -13.20
CE MSE B 32 -10.80 25.17 -13.72
CE MSE B 32 -9.69 26.07 -14.31
N LEU B 33 -6.49 20.93 -11.54
CA LEU B 33 -6.43 19.47 -11.53
C LEU B 33 -7.89 19.01 -11.40
N ILE B 34 -8.20 17.92 -12.08
CA ILE B 34 -9.53 17.33 -12.03
C ILE B 34 -9.40 15.83 -11.76
N THR B 35 -10.17 15.32 -10.81
CA THR B 35 -10.25 13.87 -10.63
C THR B 35 -11.37 13.29 -11.48
N LEU B 36 -11.07 12.17 -12.15
CA LEU B 36 -12.09 11.40 -12.84
CA LEU B 36 -12.08 11.38 -12.86
C LEU B 36 -12.25 10.12 -12.04
N ARG B 37 -13.49 9.82 -11.66
CA ARG B 37 -13.75 8.82 -10.62
CA ARG B 37 -13.75 8.82 -10.61
C ARG B 37 -13.23 7.43 -10.98
N GLY B 38 -13.11 7.15 -12.27
CA GLY B 38 -12.59 5.88 -12.73
C GLY B 38 -11.13 5.65 -12.33
N GLY B 39 -10.43 6.72 -11.95
CA GLY B 39 -9.09 6.60 -11.39
C GLY B 39 -8.00 7.50 -11.95
N GLU B 40 -8.38 8.46 -12.78
CA GLU B 40 -7.42 9.36 -13.44
C GLU B 40 -7.43 10.75 -12.83
N LEU B 41 -6.23 11.29 -12.62
CA LEU B 41 -6.04 12.68 -12.24
C LEU B 41 -5.48 13.40 -13.47
N ARG B 42 -6.13 14.47 -13.90
CA ARG B 42 -5.67 15.19 -15.09
C ARG B 42 -5.57 16.67 -14.82
N HIS B 43 -4.75 17.34 -15.63
CA HIS B 43 -4.59 18.79 -15.56
C HIS B 43 -5.29 19.45 -16.74
N TRP B 44 -6.05 20.50 -16.46
CA TRP B 44 -6.68 21.30 -17.51
C TRP B 44 -6.15 22.73 -17.43
N GLN B 45 -5.85 23.30 -18.59
N GLN B 45 -5.83 23.31 -18.59
CA GLN B 45 -5.43 24.70 -18.67
CA GLN B 45 -5.41 24.72 -18.65
C GLN B 45 -5.93 25.35 -19.96
C GLN B 45 -5.90 25.35 -19.95
N ALA B 46 -6.39 26.59 -19.85
CA ALA B 46 -6.85 27.35 -21.01
C ALA B 46 -5.81 27.38 -22.12
N GLY B 47 -6.22 26.99 -23.32
CA GLY B 47 -5.34 26.97 -24.49
C GLY B 47 -4.50 25.71 -24.64
N LYS B 48 -4.46 24.91 -23.58
CA LYS B 48 -3.74 23.62 -23.59
C LYS B 48 -4.72 22.45 -23.61
N GLY B 49 -5.88 22.64 -22.99
CA GLY B 49 -6.87 21.57 -22.89
C GLY B 49 -6.49 20.62 -21.77
N LEU B 50 -6.90 19.37 -21.93
CA LEU B 50 -6.81 18.37 -20.89
C LEU B 50 -5.60 17.46 -21.10
N SER B 51 -4.79 17.33 -20.05
CA SER B 51 -3.58 16.50 -20.08
C SER B 51 -3.90 15.01 -20.05
N ALA B 52 -2.88 14.20 -20.36
CA ALA B 52 -2.93 12.77 -20.06
C ALA B 52 -2.98 12.58 -18.54
N PRO B 53 -3.38 11.38 -18.09
CA PRO B 53 -3.39 11.15 -16.64
C PRO B 53 -2.02 11.34 -16.02
N LEU B 54 -1.97 11.99 -14.86
CA LEU B 54 -0.71 12.11 -14.14
C LEU B 54 -0.29 10.76 -13.56
N SER B 55 1.02 10.57 -13.44
CA SER B 55 1.54 9.35 -12.82
CA SER B 55 1.56 9.36 -12.82
C SER B 55 1.63 9.54 -11.31
N GLY B 56 1.73 8.42 -10.59
CA GLY B 56 1.88 8.45 -9.13
C GLY B 56 0.60 8.48 -8.32
N VAL B 57 -0.54 8.29 -9.00
CA VAL B 57 -1.86 8.36 -8.37
C VAL B 57 -2.21 6.97 -7.82
N PRO B 58 -2.82 6.89 -6.61
CA PRO B 58 -3.14 5.58 -6.06
C PRO B 58 -4.14 4.82 -6.91
N ASP B 59 -4.05 3.49 -6.86
CA ASP B 59 -5.05 2.64 -7.45
CA ASP B 59 -5.05 2.60 -7.42
C ASP B 59 -6.32 2.77 -6.61
N VAL B 60 -7.47 2.70 -7.29
CA VAL B 60 -8.76 2.90 -6.62
C VAL B 60 -9.73 1.77 -6.93
N TRP B 61 -10.74 1.65 -6.08
CA TRP B 61 -11.80 0.67 -6.27
C TRP B 61 -12.97 1.40 -6.88
N ALA B 62 -13.04 1.38 -8.20
CA ALA B 62 -13.99 2.17 -8.97
C ALA B 62 -15.26 1.35 -9.23
N HIS B 63 -16.06 1.20 -8.18
CA HIS B 63 -17.32 0.48 -8.24
C HIS B 63 -18.37 1.26 -7.48
N GLY B 64 -19.61 1.20 -7.97
CA GLY B 64 -20.70 1.94 -7.36
C GLY B 64 -20.41 3.43 -7.36
N GLN B 65 -20.50 4.03 -6.17
CA GLN B 65 -20.27 5.46 -5.97
C GLN B 65 -18.78 5.76 -5.76
N GLY B 66 -17.97 4.72 -5.75
CA GLY B 66 -16.56 4.83 -5.38
C GLY B 66 -15.62 5.06 -6.54
N GLY B 67 -14.34 5.21 -6.21
CA GLY B 67 -13.27 5.43 -7.17
C GLY B 67 -12.30 6.47 -6.65
N LEU B 68 -11.81 7.31 -7.56
CA LEU B 68 -10.96 8.45 -7.19
C LEU B 68 -11.89 9.61 -6.89
N LEU B 69 -11.74 10.19 -5.69
CA LEU B 69 -12.70 11.18 -5.18
C LEU B 69 -12.11 12.60 -5.11
N ASP B 70 -11.73 13.07 -3.93
CA ASP B 70 -11.34 14.48 -3.83
C ASP B 70 -9.90 14.74 -4.23
N VAL B 71 -9.63 15.96 -4.70
CA VAL B 71 -8.27 16.46 -4.85
C VAL B 71 -8.25 17.84 -4.23
N VAL B 72 -7.34 18.04 -3.28
CA VAL B 72 -7.25 19.32 -2.57
C VAL B 72 -5.78 19.69 -2.36
N LEU B 73 -5.44 20.96 -2.60
CA LEU B 73 -4.07 21.42 -2.35
C LEU B 73 -3.86 21.62 -0.85
N ALA B 74 -2.69 21.26 -0.34
CA ALA B 74 -2.35 21.57 1.05
C ALA B 74 -2.30 23.10 1.23
N PRO B 75 -2.59 23.58 2.45
CA PRO B 75 -2.54 25.02 2.65
C PRO B 75 -1.20 25.64 2.31
N ASP B 76 -0.11 24.90 2.53
CA ASP B 76 1.24 25.41 2.24
C ASP B 76 1.75 24.99 0.85
N PHE B 77 0.84 24.73 -0.09
CA PHE B 77 1.19 24.29 -1.45
C PHE B 77 2.27 25.15 -2.11
N ALA B 78 2.22 26.46 -1.90
CA ALA B 78 3.20 27.40 -2.45
C ALA B 78 4.65 26.96 -2.19
N GLN B 79 4.89 26.36 -1.04
CA GLN B 79 6.21 25.84 -0.68
C GLN B 79 6.34 24.33 -0.87
N SER B 80 5.34 23.58 -0.40
CA SER B 80 5.43 22.11 -0.32
C SER B 80 5.03 21.40 -1.60
N ARG B 81 4.21 22.07 -2.42
CA ARG B 81 3.53 21.47 -3.57
C ARG B 81 2.73 20.21 -3.24
N ARG B 82 2.35 20.09 -1.97
CA ARG B 82 1.63 18.90 -1.53
C ARG B 82 0.17 18.93 -1.96
N ILE B 83 -0.29 17.81 -2.53
CA ILE B 83 -1.71 17.65 -2.84
CA ILE B 83 -1.71 17.65 -2.86
C ILE B 83 -2.25 16.41 -2.15
N TRP B 84 -3.50 16.51 -1.70
CA TRP B 84 -4.19 15.43 -1.01
C TRP B 84 -5.23 14.82 -1.93
N LEU B 85 -5.39 13.49 -1.85
CA LEU B 85 -6.42 12.78 -2.61
C LEU B 85 -7.20 11.87 -1.68
N SER B 86 -8.49 11.69 -1.96
CA SER B 86 -9.26 10.64 -1.31
C SER B 86 -9.80 9.68 -2.35
N TYR B 87 -10.08 8.44 -1.94
CA TYR B 87 -10.47 7.39 -2.87
C TYR B 87 -11.07 6.21 -2.12
N SER B 88 -11.78 5.34 -2.83
CA SER B 88 -12.22 4.10 -2.19
CA SER B 88 -12.26 4.09 -2.25
C SER B 88 -11.20 3.00 -2.43
N GLU B 89 -11.03 2.17 -1.41
CA GLU B 89 -10.02 1.10 -1.42
C GLU B 89 -10.62 -0.19 -0.89
N VAL B 90 -10.39 -1.30 -1.60
CA VAL B 90 -10.99 -2.57 -1.22
C VAL B 90 -10.23 -3.19 -0.04
N GLY B 91 -10.94 -4.02 0.72
N GLY B 91 -10.93 -4.04 0.72
CA GLY B 91 -10.33 -4.77 1.80
CA GLY B 91 -10.32 -4.78 1.81
C GLY B 91 -10.14 -6.22 1.38
C GLY B 91 -10.78 -6.23 1.77
N ASP B 92 -10.30 -7.11 2.35
N ASP B 92 -10.86 -6.86 2.93
CA ASP B 92 -9.96 -8.52 2.18
CA ASP B 92 -11.32 -8.25 2.97
C ASP B 92 -11.17 -9.41 1.88
C ASP B 92 -12.83 -8.37 2.75
N ASP B 93 -12.37 -8.86 2.04
N ASP B 93 -13.31 -9.60 2.64
CA ASP B 93 -13.63 -9.60 1.84
CA ASP B 93 -14.70 -9.86 2.32
C ASP B 93 -14.37 -9.02 0.64
C ASP B 93 -15.19 -9.04 1.12
N GLY B 94 -13.69 -8.15 -0.09
N GLY B 94 -14.27 -8.53 0.32
CA GLY B 94 -14.28 -7.54 -1.25
CA GLY B 94 -14.59 -7.86 -0.95
C GLY B 94 -15.00 -6.24 -0.93
C GLY B 94 -15.27 -6.50 -0.84
N LYS B 95 -15.19 -5.94 0.36
CA LYS B 95 -15.84 -4.68 0.72
CA LYS B 95 -15.84 -4.68 0.72
C LYS B 95 -14.80 -3.56 0.76
N ALA B 96 -15.28 -2.33 0.72
CA ALA B 96 -14.39 -1.18 0.57
C ALA B 96 -14.65 -0.07 1.60
N GLY B 97 -13.69 0.85 1.69
CA GLY B 97 -13.85 2.01 2.54
C GLY B 97 -13.02 3.15 1.97
N THR B 98 -13.24 4.34 2.50
CA THR B 98 -12.53 5.53 2.06
C THR B 98 -11.11 5.56 2.59
N ALA B 99 -10.20 6.06 1.75
CA ALA B 99 -8.79 6.21 2.11
C ALA B 99 -8.33 7.59 1.69
N VAL B 100 -7.35 8.12 2.42
CA VAL B 100 -6.93 9.51 2.23
C VAL B 100 -5.41 9.59 2.32
N GLY B 101 -4.79 10.30 1.40
CA GLY B 101 -3.33 10.44 1.43
C GLY B 101 -2.86 11.68 0.72
N TYR B 102 -1.55 11.85 0.67
CA TYR B 102 -0.98 13.00 -0.03
C TYR B 102 0.33 12.66 -0.73
N GLY B 103 0.68 13.46 -1.73
CA GLY B 103 1.97 13.35 -2.39
C GLY B 103 2.35 14.73 -2.85
N ARG B 104 3.47 14.85 -3.56
CA ARG B 104 3.93 16.14 -4.04
C ARG B 104 3.68 16.26 -5.54
N LEU B 105 3.05 17.36 -5.94
CA LEU B 105 2.82 17.62 -7.36
C LEU B 105 4.10 18.17 -8.00
N SER B 106 4.58 17.50 -9.05
CA SER B 106 5.80 17.95 -9.72
C SER B 106 5.66 19.36 -10.31
N ASP B 107 6.80 20.05 -10.44
CA ASP B 107 6.83 21.38 -11.03
CA ASP B 107 6.82 21.38 -11.01
C ASP B 107 6.20 21.39 -12.42
N ASP B 108 6.43 20.33 -13.20
CA ASP B 108 5.93 20.26 -14.57
C ASP B 108 4.52 19.68 -14.71
N LEU B 109 3.90 19.37 -13.56
CA LEU B 109 2.51 18.92 -13.50
C LEU B 109 2.23 17.54 -14.12
N SER B 110 3.30 16.77 -14.35
CA SER B 110 3.15 15.45 -14.99
C SER B 110 2.96 14.31 -13.99
N LYS B 111 3.27 14.57 -12.73
N LYS B 111 3.32 14.54 -12.73
CA LYS B 111 3.27 13.50 -11.74
CA LYS B 111 3.39 13.44 -11.75
C LYS B 111 3.01 13.93 -10.31
C LYS B 111 3.19 13.86 -10.29
N VAL B 112 2.59 12.96 -9.52
CA VAL B 112 2.48 13.10 -8.09
C VAL B 112 3.56 12.18 -7.55
N THR B 113 4.42 12.72 -6.68
CA THR B 113 5.54 11.91 -6.17
C THR B 113 5.38 11.53 -4.70
N ASP B 114 5.88 10.34 -4.38
CA ASP B 114 5.89 9.78 -3.03
C ASP B 114 4.53 9.79 -2.36
N PHE B 115 3.47 9.54 -3.13
CA PHE B 115 2.14 9.44 -2.53
C PHE B 115 2.11 8.41 -1.39
N ARG B 116 1.48 8.79 -0.28
CA ARG B 116 1.32 7.90 0.87
CA ARG B 116 1.30 7.86 0.84
CA ARG B 116 1.33 7.91 0.88
C ARG B 116 -0.11 8.00 1.41
N THR B 117 -0.66 6.88 1.84
CA THR B 117 -1.99 6.86 2.43
C THR B 117 -1.83 7.00 3.94
N VAL B 118 -2.43 8.05 4.51
CA VAL B 118 -2.25 8.37 5.92
C VAL B 118 -3.48 8.09 6.78
N PHE B 119 -4.63 7.93 6.14
CA PHE B 119 -5.86 7.69 6.88
C PHE B 119 -6.78 6.75 6.12
N ARG B 120 -7.34 5.79 6.86
CA ARG B 120 -8.32 4.85 6.29
C ARG B 120 -9.56 4.70 7.15
N GLN B 121 -10.72 4.81 6.50
CA GLN B 121 -11.96 4.42 7.13
C GLN B 121 -11.90 2.94 7.46
N MSE B 122 -12.07 2.61 8.74
CA MSE B 122 -12.08 1.22 9.18
C MSE B 122 -13.25 1.04 10.14
O MSE B 122 -13.53 1.93 10.93
CB MSE B 122 -10.76 0.83 9.85
CG MSE B 122 -9.56 0.83 8.91
SE MSE B 122 -9.69 -0.47 7.43
CE MSE B 122 -9.13 -2.05 8.39
N PRO B 123 -13.95 -0.11 10.05
CA PRO B 123 -13.74 -1.18 9.07
C PRO B 123 -14.19 -0.77 7.66
N LYS B 124 -13.89 -1.61 6.69
CA LYS B 124 -14.34 -1.41 5.33
C LYS B 124 -15.63 -2.18 5.13
N LEU B 125 -16.74 -1.45 5.04
CA LEU B 125 -18.07 -2.08 5.01
C LEU B 125 -18.87 -1.84 3.72
N SER B 126 -18.33 -1.05 2.80
CA SER B 126 -19.10 -0.69 1.60
C SER B 126 -19.07 -1.76 0.52
N THR B 127 -20.23 -1.99 -0.09
CA THR B 127 -20.31 -2.80 -1.32
C THR B 127 -20.48 -1.90 -2.55
N GLY B 128 -20.30 -0.59 -2.35
CA GLY B 128 -20.40 0.36 -3.45
C GLY B 128 -20.97 1.71 -3.09
N ASN B 129 -21.65 1.81 -1.95
CA ASN B 129 -22.30 3.06 -1.56
C ASN B 129 -21.72 3.72 -0.31
N HIS B 130 -21.91 5.03 -0.24
CA HIS B 130 -21.69 5.85 0.97
C HIS B 130 -20.26 5.89 1.49
N PHE B 131 -19.39 6.45 0.65
CA PHE B 131 -18.00 6.67 1.01
C PHE B 131 -17.76 8.06 1.60
N GLY B 132 -18.64 9.03 1.29
CA GLY B 132 -18.29 10.43 1.54
C GLY B 132 -17.12 10.77 0.65
N GLY B 133 -16.07 11.36 1.23
CA GLY B 133 -14.83 11.59 0.49
C GLY B 133 -14.27 12.98 0.48
N ARG B 134 -15.08 13.98 0.80
CA ARG B 134 -14.61 15.37 0.73
C ARG B 134 -13.57 15.66 1.80
N LEU B 135 -12.53 16.40 1.39
CA LEU B 135 -11.48 16.87 2.29
C LEU B 135 -11.53 18.37 2.35
N VAL B 136 -11.50 18.94 3.56
CA VAL B 136 -11.45 20.40 3.70
C VAL B 136 -10.43 20.80 4.76
N PHE B 137 -9.48 21.65 4.37
CA PHE B 137 -8.57 22.25 5.35
C PHE B 137 -9.25 23.48 5.97
N ASP B 138 -9.17 23.61 7.29
CA ASP B 138 -9.81 24.74 7.94
C ASP B 138 -8.97 26.02 7.95
N GLY B 139 -7.71 25.88 7.53
CA GLY B 139 -6.78 27.02 7.50
C GLY B 139 -6.25 27.38 8.88
N LYS B 140 -6.52 26.50 9.85
CA LYS B 140 -6.20 26.72 11.26
CA LYS B 140 -6.16 26.75 11.24
C LYS B 140 -5.31 25.61 11.79
N GLY B 141 -4.81 24.76 10.90
CA GLY B 141 -3.94 23.65 11.29
C GLY B 141 -4.55 22.27 11.19
N TYR B 142 -5.77 22.20 10.63
CA TYR B 142 -6.52 20.94 10.64
C TYR B 142 -7.12 20.57 9.30
N LEU B 143 -7.44 19.28 9.17
CA LEU B 143 -8.04 18.72 7.97
C LEU B 143 -9.29 17.96 8.38
N PHE B 144 -10.41 18.30 7.75
CA PHE B 144 -11.68 17.62 7.97
C PHE B 144 -11.95 16.64 6.85
N ILE B 145 -12.43 15.45 7.24
CA ILE B 145 -12.65 14.36 6.29
C ILE B 145 -14.06 13.83 6.48
N ALA B 146 -14.86 13.89 5.41
CA ALA B 146 -16.27 13.48 5.45
C ALA B 146 -16.42 12.00 5.09
N LEU B 147 -17.00 11.21 5.99
CA LEU B 147 -17.16 9.77 5.77
C LEU B 147 -18.60 9.30 5.86
N GLY B 148 -19.07 8.67 4.78
CA GLY B 148 -20.38 8.02 4.74
C GLY B 148 -20.40 6.76 5.60
N GLU B 149 -21.59 6.24 5.87
CA GLU B 149 -21.69 5.01 6.70
C GLU B 149 -21.72 3.71 5.88
N ASN B 150 -21.23 3.78 4.63
CA ASN B 150 -21.07 2.59 3.79
C ASN B 150 -22.38 1.82 3.53
N ASN B 151 -23.50 2.50 3.76
CA ASN B 151 -24.85 1.92 3.64
C ASN B 151 -25.17 0.90 4.74
N GLN B 152 -24.46 1.02 5.88
CA GLN B 152 -24.77 0.25 7.08
CA GLN B 152 -24.78 0.25 7.07
C GLN B 152 -25.29 1.22 8.13
N ARG B 153 -26.59 1.50 8.08
CA ARG B 153 -27.17 2.63 8.81
C ARG B 153 -26.74 2.79 10.25
N PRO B 154 -26.89 1.74 11.08
CA PRO B 154 -26.65 1.92 12.51
C PRO B 154 -25.22 2.29 12.87
N THR B 155 -24.27 2.00 11.97
CA THR B 155 -22.85 2.20 12.30
C THR B 155 -22.49 3.67 12.46
N ALA B 156 -23.34 4.57 11.93
CA ALA B 156 -23.08 6.00 12.08
C ALA B 156 -23.07 6.44 13.55
N GLN B 157 -23.79 5.70 14.40
CA GLN B 157 -23.88 6.01 15.83
C GLN B 157 -22.75 5.37 16.65
N ASP B 158 -22.04 4.42 16.05
CA ASP B 158 -21.01 3.63 16.75
C ASP B 158 -19.69 4.38 16.78
N LEU B 159 -19.23 4.78 17.97
CA LEU B 159 -17.98 5.56 18.08
C LEU B 159 -16.72 4.73 17.82
N ASP B 160 -16.87 3.41 17.78
CA ASP B 160 -15.73 2.54 17.48
CA ASP B 160 -15.77 2.48 17.49
C ASP B 160 -15.57 2.28 15.98
N LYS B 161 -16.43 2.89 15.18
CA LYS B 161 -16.42 2.71 13.73
CA LYS B 161 -16.43 2.70 13.72
C LYS B 161 -16.32 4.05 13.01
N LEU B 162 -15.64 4.06 11.87
CA LEU B 162 -15.46 5.31 11.13
C LEU B 162 -16.50 5.53 10.03
N GLN B 163 -17.61 4.80 10.14
CA GLN B 163 -18.79 5.00 9.28
C GLN B 163 -19.62 6.18 9.76
N GLY B 164 -20.00 7.06 8.84
CA GLY B 164 -20.95 8.14 9.17
C GLY B 164 -20.37 9.12 10.17
N LYS B 165 -19.10 9.47 9.95
CA LYS B 165 -18.33 10.32 10.85
C LYS B 165 -17.77 11.48 10.06
N LEU B 166 -17.68 12.62 10.73
CA LEU B 166 -16.77 13.67 10.29
C LEU B 166 -15.49 13.52 11.10
N VAL B 167 -14.38 13.35 10.40
CA VAL B 167 -13.07 13.17 11.05
C VAL B 167 -12.30 14.48 11.04
N ARG B 168 -11.55 14.76 12.11
CA ARG B 168 -10.62 15.88 12.12
C ARG B 168 -9.23 15.36 12.43
N LEU B 169 -8.31 15.63 11.51
CA LEU B 169 -6.89 15.35 11.71
C LEU B 169 -6.14 16.67 11.71
N THR B 170 -4.89 16.68 12.15
CA THR B 170 -4.05 17.86 11.89
C THR B 170 -3.84 17.93 10.39
N ASP B 171 -3.33 19.07 9.91
CA ASP B 171 -3.04 19.23 8.49
C ASP B 171 -1.88 18.35 8.00
N GLN B 172 -1.30 17.55 8.90
CA GLN B 172 -0.28 16.55 8.54
C GLN B 172 -0.83 15.12 8.58
N GLY B 173 -2.10 15.00 8.97
CA GLY B 173 -2.76 13.70 9.03
C GLY B 173 -2.62 12.99 10.38
N GLU B 174 -2.17 13.72 11.39
CA GLU B 174 -2.02 13.19 12.75
CA GLU B 174 -2.03 13.16 12.74
C GLU B 174 -3.30 13.37 13.56
N ILE B 175 -3.44 12.60 14.64
CA ILE B 175 -4.58 12.78 15.54
C ILE B 175 -4.33 13.95 16.50
N PRO B 176 -5.22 14.97 16.47
CA PRO B 176 -5.07 16.10 17.38
C PRO B 176 -5.25 15.69 18.85
N ASP B 177 -4.45 16.28 19.74
CA ASP B 177 -4.50 15.96 21.17
CA ASP B 177 -4.50 15.96 21.16
C ASP B 177 -5.77 16.43 21.85
N ASP B 178 -6.52 17.31 21.18
CA ASP B 178 -7.75 17.87 21.73
C ASP B 178 -9.03 17.38 21.03
N ASN B 179 -8.93 16.32 20.24
CA ASN B 179 -10.14 15.70 19.66
C ASN B 179 -11.05 15.15 20.75
N PRO B 180 -12.38 15.19 20.53
CA PRO B 180 -13.33 14.99 21.64
C PRO B 180 -13.32 13.61 22.29
N PHE B 181 -12.94 12.58 21.54
CA PHE B 181 -13.04 11.20 22.02
C PHE B 181 -11.70 10.51 22.27
N ILE B 182 -10.64 11.32 22.37
CA ILE B 182 -9.30 10.79 22.55
C ILE B 182 -9.12 10.01 23.86
N LYS B 183 -9.97 10.33 24.86
CA LYS B 183 -9.96 9.64 26.16
C LYS B 183 -11.19 8.77 26.38
N GLU B 184 -12.03 8.61 25.35
CA GLU B 184 -13.22 7.77 25.43
CA GLU B 184 -13.21 7.76 25.46
C GLU B 184 -12.88 6.33 25.06
N SER B 185 -13.09 5.41 26.01
CA SER B 185 -12.78 4.00 25.82
CA SER B 185 -12.79 4.00 25.83
C SER B 185 -13.50 3.40 24.62
N GLY B 186 -12.72 2.77 23.74
CA GLY B 186 -13.27 2.10 22.56
C GLY B 186 -13.49 2.99 21.35
N VAL B 187 -13.57 4.30 21.56
CA VAL B 187 -13.89 5.24 20.49
C VAL B 187 -12.69 5.52 19.57
N ARG B 188 -12.96 5.81 18.30
CA ARG B 188 -11.91 6.22 17.38
C ARG B 188 -11.56 7.69 17.60
N ALA B 189 -10.30 7.96 17.94
CA ALA B 189 -9.84 9.30 18.31
C ALA B 189 -9.92 10.29 17.14
N GLU B 190 -10.01 9.76 15.91
CA GLU B 190 -10.09 10.61 14.73
C GLU B 190 -11.42 11.35 14.61
N ILE B 191 -12.44 10.90 15.34
CA ILE B 191 -13.81 11.42 15.19
C ILE B 191 -13.99 12.84 15.75
N TRP B 192 -14.59 13.70 14.94
CA TRP B 192 -15.01 15.03 15.36
C TRP B 192 -16.53 15.07 15.62
N SER B 193 -17.31 14.61 14.64
CA SER B 193 -18.78 14.55 14.77
C SER B 193 -19.26 13.21 14.24
N TYR B 194 -20.47 12.80 14.64
CA TYR B 194 -21.00 11.52 14.18
C TYR B 194 -22.47 11.62 13.83
N GLY B 195 -23.07 10.52 13.39
CA GLY B 195 -24.49 10.57 13.03
C GLY B 195 -24.77 11.23 11.70
N ILE B 196 -23.90 10.96 10.73
CA ILE B 196 -24.14 11.44 9.37
CA ILE B 196 -24.01 11.45 9.36
C ILE B 196 -24.28 10.24 8.43
N ARG B 197 -25.02 10.45 7.35
CA ARG B 197 -25.38 9.36 6.44
C ARG B 197 -24.37 9.25 5.30
N ASN B 198 -24.51 10.11 4.30
CA ASN B 198 -23.52 10.20 3.22
C ASN B 198 -23.24 11.66 2.91
N PRO B 199 -22.17 12.20 3.51
CA PRO B 199 -21.85 13.60 3.31
C PRO B 199 -21.26 13.74 1.93
N GLN B 200 -21.57 14.85 1.26
CA GLN B 200 -21.07 15.06 -0.08
C GLN B 200 -20.28 16.36 -0.13
N GLY B 201 -20.96 17.48 -0.29
CA GLY B 201 -20.26 18.75 -0.25
C GLY B 201 -19.87 19.19 1.14
N MSE B 202 -18.71 19.81 1.25
N MSE B 202 -18.75 19.90 1.22
CA MSE B 202 -18.33 20.58 2.45
CA MSE B 202 -18.21 20.50 2.48
C MSE B 202 -17.65 21.88 1.96
C MSE B 202 -17.30 21.73 2.14
O MSE B 202 -17.21 21.98 0.78
O MSE B 202 -16.47 21.66 1.20
CB MSE B 202 -17.39 19.80 3.41
CB MSE B 202 -17.41 19.46 3.27
CG MSE B 202 -17.87 18.47 3.96
CG MSE B 202 -17.36 19.68 4.75
SE MSE B 202 -16.72 17.96 5.54
SE MSE B 202 -17.20 17.93 5.53
CE MSE B 202 -15.06 17.65 4.66
CE MSE B 202 -15.27 17.62 5.12
N ALA B 203 -17.51 22.83 2.88
CA ALA B 203 -16.76 24.06 2.62
C ALA B 203 -16.68 24.90 3.89
N MSE B 204 -15.61 25.68 3.99
CA MSE B 204 -15.49 26.66 5.06
C MSE B 204 -16.35 27.88 4.72
O MSE B 204 -16.20 28.47 3.66
CB MSE B 204 -14.03 27.10 5.25
CG MSE B 204 -13.08 25.99 5.69
SE MSE B 204 -13.56 25.17 7.42
CE MSE B 204 -13.24 26.71 8.55
N ASN B 205 -17.24 28.24 5.66
CA ASN B 205 -18.02 29.47 5.52
C ASN B 205 -17.06 30.62 5.80
N PRO B 206 -16.85 31.51 4.81
CA PRO B 206 -15.85 32.57 4.96
C PRO B 206 -16.28 33.73 5.86
N TRP B 207 -17.53 33.75 6.27
CA TRP B 207 -18.08 34.81 7.14
C TRP B 207 -18.10 34.39 8.60
N SER B 208 -18.22 33.09 8.85
CA SER B 208 -18.17 32.59 10.21
C SER B 208 -16.90 31.80 10.50
N ASN B 209 -16.11 31.54 9.47
CA ASN B 209 -14.87 30.79 9.62
CA ASN B 209 -14.87 30.75 9.56
C ASN B 209 -15.15 29.40 10.22
N ALA B 210 -16.21 28.76 9.76
CA ALA B 210 -16.67 27.49 10.30
C ALA B 210 -17.06 26.55 9.17
N LEU B 211 -16.85 25.25 9.40
CA LEU B 211 -17.16 24.22 8.43
C LEU B 211 -18.67 24.03 8.30
N TRP B 212 -19.15 23.97 7.05
CA TRP B 212 -20.49 23.50 6.76
C TRP B 212 -20.40 22.25 5.91
N LEU B 213 -21.35 21.35 6.07
CA LEU B 213 -21.38 20.17 5.23
C LEU B 213 -22.80 19.89 4.77
N ASN B 214 -22.90 19.10 3.71
CA ASN B 214 -24.21 18.60 3.31
C ASN B 214 -24.20 17.08 3.20
N GLU B 215 -25.39 16.50 3.16
CA GLU B 215 -25.48 15.05 3.05
C GLU B 215 -26.75 14.60 2.35
N HIS B 216 -26.67 13.44 1.71
CA HIS B 216 -27.84 12.80 1.13
C HIS B 216 -28.68 12.12 2.18
N GLY B 217 -29.97 12.36 2.13
CA GLY B 217 -30.95 11.55 2.84
C GLY B 217 -31.34 10.36 1.99
N PRO B 218 -32.16 9.47 2.55
CA PRO B 218 -32.69 8.29 1.84
C PRO B 218 -33.77 8.76 0.86
N ARG B 219 -35.04 8.45 1.12
CA ARG B 219 -36.11 9.02 0.31
C ARG B 219 -36.45 10.35 0.97
N GLY B 220 -35.85 11.41 0.44
CA GLY B 220 -35.92 12.73 1.06
C GLY B 220 -34.95 12.88 2.22
N GLY B 221 -34.86 14.11 2.73
CA GLY B 221 -34.13 14.36 3.96
C GLY B 221 -32.68 14.77 3.78
N ASP B 222 -32.30 15.24 2.58
CA ASP B 222 -30.97 15.84 2.42
C ASP B 222 -30.83 16.98 3.42
N GLU B 223 -29.60 17.22 3.88
CA GLU B 223 -29.36 18.22 4.93
C GLU B 223 -28.16 19.09 4.64
N ILE B 224 -28.19 20.30 5.21
CA ILE B 224 -26.98 21.09 5.47
C ILE B 224 -26.80 21.13 6.99
N ASN B 225 -25.61 20.75 7.45
CA ASN B 225 -25.25 20.82 8.87
C ASN B 225 -24.06 21.75 9.10
N ILE B 226 -24.00 22.31 10.31
CA ILE B 226 -22.82 23.06 10.76
C ILE B 226 -22.22 22.24 11.91
N PRO B 227 -21.33 21.29 11.57
CA PRO B 227 -20.91 20.29 12.55
C PRO B 227 -20.06 20.85 13.68
N GLN B 228 -20.39 20.44 14.90
CA GLN B 228 -19.71 20.90 16.10
CA GLN B 228 -19.71 20.89 16.11
C GLN B 228 -18.95 19.74 16.75
N LYS B 229 -17.89 20.08 17.49
CA LYS B 229 -17.06 19.13 18.19
C LYS B 229 -17.85 18.19 19.10
N GLY B 230 -17.72 16.88 18.83
CA GLY B 230 -18.27 15.85 19.69
C GLY B 230 -19.76 15.61 19.51
N LYS B 231 -20.38 16.29 18.56
CA LYS B 231 -21.84 16.26 18.43
CA LYS B 231 -21.84 16.22 18.47
C LYS B 231 -22.38 15.19 17.50
N ASN B 232 -23.61 14.77 17.78
CA ASN B 232 -24.35 13.72 17.07
C ASN B 232 -25.39 14.34 16.14
N TYR B 233 -25.23 14.14 14.84
CA TYR B 233 -26.16 14.70 13.83
C TYR B 233 -27.34 13.77 13.53
N GLY B 234 -27.43 12.69 14.30
CA GLY B 234 -28.68 11.96 14.40
C GLY B 234 -28.86 10.68 13.60
N TRP B 235 -28.21 10.56 12.45
CA TRP B 235 -28.49 9.43 11.57
C TRP B 235 -28.06 8.11 12.21
N PRO B 236 -28.92 7.06 12.18
CA PRO B 236 -30.27 6.94 11.60
C PRO B 236 -31.40 7.03 12.62
N LEU B 237 -31.08 7.48 13.84
CA LEU B 237 -32.08 7.68 14.89
CA LEU B 237 -32.07 7.67 14.89
C LEU B 237 -33.00 8.86 14.59
N ALA B 238 -32.44 9.88 13.92
CA ALA B 238 -33.21 11.06 13.54
C ALA B 238 -33.03 11.24 12.03
N THR B 239 -34.13 11.46 11.34
CA THR B 239 -34.08 11.73 9.90
C THR B 239 -35.30 12.51 9.44
N TRP B 240 -35.08 13.39 8.45
CA TRP B 240 -36.18 14.07 7.77
C TRP B 240 -36.62 13.33 6.52
N GLY B 241 -36.03 12.17 6.28
CA GLY B 241 -36.42 11.34 5.14
C GLY B 241 -37.13 10.07 5.58
N ILE B 242 -37.50 9.26 4.59
CA ILE B 242 -38.12 7.96 4.83
C ILE B 242 -37.36 6.92 4.03
N ASN B 243 -37.69 5.63 4.22
CA ASN B 243 -37.07 4.60 3.39
C ASN B 243 -37.62 4.68 1.97
N TYR B 244 -36.89 4.11 1.01
CA TYR B 244 -37.30 4.20 -0.39
C TYR B 244 -38.67 3.58 -0.70
N SER B 245 -39.05 2.58 0.09
CA SER B 245 -40.38 1.95 0.02
C SER B 245 -41.53 2.92 0.28
N GLY B 246 -41.24 4.00 1.01
CA GLY B 246 -42.27 4.94 1.46
C GLY B 246 -42.55 4.79 2.94
N PHE B 247 -41.97 3.76 3.55
CA PHE B 247 -42.13 3.53 4.99
C PHE B 247 -40.94 4.11 5.74
N LYS B 248 -41.08 4.26 7.05
CA LYS B 248 -40.05 4.87 7.91
CA LYS B 248 -40.05 4.87 7.89
C LYS B 248 -38.75 4.06 7.88
N ILE B 249 -37.62 4.76 8.03
CA ILE B 249 -36.32 4.12 8.24
C ILE B 249 -36.45 3.32 9.56
N PRO B 250 -36.11 2.02 9.54
CA PRO B 250 -36.35 1.15 10.71
C PRO B 250 -35.80 1.67 12.04
N GLU B 251 -34.62 2.27 12.01
CA GLU B 251 -33.94 2.71 13.24
C GLU B 251 -34.46 4.05 13.74
N ALA B 252 -35.20 4.76 12.90
CA ALA B 252 -35.56 6.15 13.21
C ALA B 252 -36.59 6.26 14.32
N LYS B 253 -36.31 7.15 15.27
CA LYS B 253 -37.23 7.46 16.37
CA LYS B 253 -37.24 7.45 16.35
C LYS B 253 -38.12 8.64 16.00
N GLY B 254 -37.65 9.50 15.10
CA GLY B 254 -38.40 10.67 14.68
C GLY B 254 -37.55 11.64 13.88
N GLU B 255 -38.11 12.80 13.59
CA GLU B 255 -37.39 13.86 12.89
C GLU B 255 -36.50 14.66 13.85
N ILE B 256 -37.02 14.88 15.04
CA ILE B 256 -36.36 15.68 16.07
C ILE B 256 -36.20 14.77 17.26
N VAL B 257 -34.96 14.56 17.70
CA VAL B 257 -34.65 13.54 18.69
C VAL B 257 -33.69 14.11 19.72
N ALA B 258 -34.08 14.04 20.99
CA ALA B 258 -33.25 14.57 22.07
C ALA B 258 -31.84 13.99 22.02
N GLY B 259 -30.85 14.85 22.25
CA GLY B 259 -29.45 14.43 22.23
C GLY B 259 -28.79 14.43 20.86
N THR B 260 -29.57 14.78 19.84
CA THR B 260 -29.03 14.91 18.47
C THR B 260 -29.26 16.32 17.93
N GLU B 261 -28.39 16.75 17.03
CA GLU B 261 -28.41 18.11 16.51
CA GLU B 261 -28.40 18.11 16.50
C GLU B 261 -29.14 18.20 15.18
N GLN B 262 -29.96 19.24 15.03
CA GLN B 262 -30.72 19.46 13.81
C GLN B 262 -29.85 20.09 12.71
N PRO B 263 -30.22 19.84 11.45
CA PRO B 263 -29.56 20.54 10.35
C PRO B 263 -30.04 21.99 10.29
N VAL B 264 -29.29 22.86 9.62
CA VAL B 264 -29.75 24.23 9.40
C VAL B 264 -30.68 24.35 8.18
N PHE B 265 -30.68 23.31 7.35
CA PHE B 265 -31.62 23.22 6.22
C PHE B 265 -31.83 21.76 5.90
N TYR B 266 -33.04 21.42 5.51
CA TYR B 266 -33.31 20.08 4.99
C TYR B 266 -34.30 20.17 3.84
N TRP B 267 -34.26 19.16 2.97
CA TRP B 267 -35.21 19.04 1.88
C TRP B 267 -35.96 17.74 2.04
N LYS B 268 -37.28 17.80 2.22
CA LYS B 268 -38.07 16.56 2.18
C LYS B 268 -38.15 15.92 0.79
N ASP B 269 -37.92 16.72 -0.25
CA ASP B 269 -37.75 16.24 -1.61
C ASP B 269 -36.28 16.41 -1.96
N SER B 270 -35.53 15.31 -1.94
CA SER B 270 -34.08 15.38 -2.06
C SER B 270 -33.56 15.83 -3.43
N PRO B 271 -32.74 16.91 -3.47
CA PRO B 271 -32.02 17.23 -4.70
C PRO B 271 -30.88 16.27 -5.01
N ALA B 272 -30.48 15.46 -4.01
CA ALA B 272 -29.21 14.71 -3.98
C ALA B 272 -28.06 15.70 -4.06
N VAL B 273 -27.96 16.49 -2.99
CA VAL B 273 -27.00 17.60 -2.91
C VAL B 273 -25.56 17.13 -3.06
N SER B 274 -24.74 17.96 -3.71
CA SER B 274 -23.36 17.56 -4.00
C SER B 274 -22.37 18.67 -3.61
N GLY B 275 -21.38 18.93 -4.44
CA GLY B 275 -20.37 19.93 -4.11
C GLY B 275 -20.99 21.29 -3.89
N MSE B 276 -20.45 22.05 -2.95
CA MSE B 276 -20.96 23.41 -2.74
C MSE B 276 -19.87 24.45 -2.50
O MSE B 276 -18.74 24.12 -2.12
CB MSE B 276 -22.00 23.44 -1.65
CG MSE B 276 -21.44 23.16 -0.32
SE MSE B 276 -22.84 23.04 1.02
CE MSE B 276 -21.79 22.22 2.00
N ALA B 277 -20.23 25.69 -2.75
CA ALA B 277 -19.28 26.80 -2.75
C ALA B 277 -19.95 28.05 -2.21
N PHE B 278 -19.31 28.68 -1.23
CA PHE B 278 -19.73 30.02 -0.79
C PHE B 278 -19.16 31.05 -1.75
N TYR B 279 -19.91 32.14 -1.94
CA TYR B 279 -19.48 33.20 -2.86
C TYR B 279 -19.28 34.50 -2.09
N ASN B 280 -18.03 34.97 -2.07
CA ASN B 280 -17.65 36.14 -1.27
CA ASN B 280 -17.59 36.09 -1.26
C ASN B 280 -16.77 37.11 -2.06
N SER B 281 -17.02 37.18 -3.38
CA SER B 281 -16.24 38.03 -4.28
C SER B 281 -17.04 39.23 -4.77
N ASP B 282 -16.35 40.36 -4.96
CA ASP B 282 -16.94 41.54 -5.58
C ASP B 282 -16.95 41.47 -7.11
N LYS B 283 -16.41 40.39 -7.67
CA LYS B 283 -16.49 40.22 -9.13
C LYS B 283 -17.95 40.29 -9.61
N PHE B 284 -18.81 39.51 -8.96
CA PHE B 284 -20.24 39.54 -9.25
C PHE B 284 -20.96 39.85 -7.94
N PRO B 285 -21.12 41.15 -7.63
CA PRO B 285 -21.71 41.52 -6.35
C PRO B 285 -23.09 40.93 -6.11
N GLN B 286 -23.85 40.64 -7.17
CA GLN B 286 -25.19 40.06 -6.98
C GLN B 286 -25.13 38.66 -6.35
N TRP B 287 -23.96 38.03 -6.40
CA TRP B 287 -23.75 36.70 -5.84
C TRP B 287 -23.10 36.74 -4.45
N GLN B 288 -22.77 37.93 -3.95
CA GLN B 288 -22.22 38.04 -2.60
C GLN B 288 -23.19 37.43 -1.58
N GLN B 289 -22.64 36.77 -0.58
CA GLN B 289 -23.43 36.18 0.52
C GLN B 289 -24.34 35.06 0.04
N LYS B 290 -23.89 34.33 -0.98
CA LYS B 290 -24.62 33.18 -1.49
C LYS B 290 -23.84 31.90 -1.28
N LEU B 291 -24.58 30.80 -1.31
CA LEU B 291 -24.01 29.45 -1.27
C LEU B 291 -24.62 28.70 -2.44
N PHE B 292 -23.75 28.08 -3.24
CA PHE B 292 -24.19 27.36 -4.44
C PHE B 292 -23.98 25.89 -4.20
N ILE B 293 -25.03 25.09 -4.40
CA ILE B 293 -24.98 23.65 -4.09
C ILE B 293 -25.39 22.83 -5.30
N GLY B 294 -24.55 21.89 -5.71
CA GLY B 294 -24.92 21.01 -6.81
C GLY B 294 -26.05 20.08 -6.45
N ALA B 295 -26.84 19.69 -7.45
CA ALA B 295 -27.91 18.71 -7.26
C ALA B 295 -27.77 17.62 -8.31
N LEU B 296 -27.52 16.39 -7.85
CA LEU B 296 -27.32 15.26 -8.77
C LEU B 296 -28.64 14.82 -9.38
N LYS B 297 -29.67 14.69 -8.54
CA LYS B 297 -30.96 14.18 -8.96
C LYS B 297 -31.78 15.25 -9.69
N ASP B 298 -31.77 16.47 -9.16
CA ASP B 298 -32.48 17.59 -9.80
C ASP B 298 -31.75 18.15 -11.03
N LYS B 299 -30.47 17.79 -11.18
CA LYS B 299 -29.71 18.12 -12.37
C LYS B 299 -29.60 19.64 -12.53
N ASP B 300 -29.25 20.30 -11.45
CA ASP B 300 -29.04 21.75 -11.47
C ASP B 300 -28.23 22.21 -10.25
N VAL B 301 -28.11 23.52 -10.10
CA VAL B 301 -27.42 24.13 -8.96
C VAL B 301 -28.41 24.94 -8.14
N ILE B 302 -28.37 24.72 -6.82
CA ILE B 302 -29.23 25.44 -5.90
C ILE B 302 -28.52 26.71 -5.46
N VAL B 303 -29.20 27.85 -5.59
CA VAL B 303 -28.68 29.13 -5.16
C VAL B 303 -29.32 29.49 -3.83
N MSE B 304 -28.50 29.72 -2.82
CA MSE B 304 -29.00 29.97 -1.46
C MSE B 304 -28.46 31.26 -0.90
O MSE B 304 -27.32 31.63 -1.18
CB MSE B 304 -28.63 28.81 -0.54
CG MSE B 304 -28.91 27.47 -1.16
SE MSE B 304 -29.03 26.02 0.09
CE MSE B 304 -30.75 26.44 1.02
N SER B 305 -29.29 31.95 -0.11
CA SER B 305 -28.86 33.14 0.62
C SER B 305 -28.35 32.70 1.98
N VAL B 306 -27.14 33.13 2.30
CA VAL B 306 -26.53 32.79 3.58
C VAL B 306 -26.71 33.99 4.50
N ASN B 307 -27.21 33.71 5.71
CA ASN B 307 -27.60 34.74 6.67
C ASN B 307 -27.11 34.29 8.04
N GLY B 308 -25.83 34.54 8.32
CA GLY B 308 -25.19 34.00 9.54
C GLY B 308 -25.23 32.49 9.51
N ASP B 309 -25.85 31.88 10.50
CA ASP B 309 -25.97 30.43 10.56
C ASP B 309 -27.26 29.93 9.92
N LYS B 310 -27.98 30.83 9.27
CA LYS B 310 -29.21 30.48 8.56
C LYS B 310 -28.99 30.49 7.06
N VAL B 311 -29.85 29.77 6.35
CA VAL B 311 -29.77 29.70 4.90
C VAL B 311 -31.18 29.51 4.33
N THR B 312 -31.45 30.17 3.21
CA THR B 312 -32.74 30.04 2.50
C THR B 312 -32.47 29.80 1.02
N GLU B 313 -33.42 29.18 0.33
CA GLU B 313 -33.23 28.84 -1.08
C GLU B 313 -33.78 29.94 -1.97
N ASP B 314 -32.91 30.54 -2.78
CA ASP B 314 -33.32 31.58 -3.75
C ASP B 314 -34.01 30.95 -4.95
N GLY B 315 -33.46 29.83 -5.41
CA GLY B 315 -33.96 29.17 -6.61
C GLY B 315 -32.86 28.30 -7.21
N ARG B 316 -33.01 27.97 -8.48
CA ARG B 316 -32.14 27.06 -9.20
C ARG B 316 -31.57 27.67 -10.46
N ILE B 317 -30.36 27.27 -10.81
CA ILE B 317 -29.73 27.62 -12.08
C ILE B 317 -29.23 26.35 -12.77
N LEU B 318 -28.99 26.42 -14.08
CA LEU B 318 -28.54 25.29 -14.92
C LEU B 318 -29.58 24.18 -15.19
N THR B 319 -30.81 24.35 -14.71
CA THR B 319 -31.83 23.32 -14.90
C THR B 319 -32.08 23.01 -16.37
N ASP B 320 -32.01 24.01 -17.23
CA ASP B 320 -32.26 23.79 -18.65
C ASP B 320 -31.22 22.95 -19.38
N ARG B 321 -30.07 22.67 -18.74
CA ARG B 321 -29.01 21.91 -19.39
C ARG B 321 -29.19 20.39 -19.22
N GLY B 322 -29.97 19.99 -18.20
CA GLY B 322 -30.32 18.59 -18.01
C GLY B 322 -29.21 17.67 -17.58
N GLN B 323 -28.17 18.24 -16.95
CA GLN B 323 -26.99 17.49 -16.52
C GLN B 323 -26.95 17.35 -14.99
N ARG B 324 -26.65 16.14 -14.53
CA ARG B 324 -26.42 15.90 -13.11
C ARG B 324 -25.23 16.74 -12.68
N ILE B 325 -25.33 17.43 -11.55
CA ILE B 325 -24.23 18.29 -11.08
C ILE B 325 -23.46 17.64 -9.93
N ARG B 326 -22.14 17.51 -10.12
CA ARG B 326 -21.28 16.84 -9.15
C ARG B 326 -20.56 17.80 -8.21
N ASP B 327 -19.98 18.87 -8.76
CA ASP B 327 -19.17 19.76 -7.92
C ASP B 327 -19.37 21.20 -8.35
N VAL B 328 -19.18 22.10 -7.38
CA VAL B 328 -19.33 23.52 -7.58
C VAL B 328 -18.23 24.20 -6.76
N ARG B 329 -17.48 25.09 -7.41
CA ARG B 329 -16.41 25.81 -6.73
CA ARG B 329 -16.37 25.80 -6.78
C ARG B 329 -16.36 27.27 -7.14
N THR B 330 -15.97 28.12 -6.21
CA THR B 330 -15.79 29.53 -6.50
C THR B 330 -14.33 29.74 -6.86
N GLY B 331 -14.08 30.21 -8.07
CA GLY B 331 -12.72 30.42 -8.54
C GLY B 331 -12.08 31.65 -7.97
N PRO B 332 -10.75 31.71 -8.01
CA PRO B 332 -10.01 32.91 -7.57
C PRO B 332 -10.31 34.11 -8.47
N ASP B 333 -10.89 33.87 -9.64
CA ASP B 333 -11.32 34.93 -10.56
C ASP B 333 -12.76 35.42 -10.30
N GLY B 334 -13.42 34.82 -9.30
CA GLY B 334 -14.80 35.20 -8.98
C GLY B 334 -15.86 34.59 -9.88
N TYR B 335 -15.49 33.60 -10.69
CA TYR B 335 -16.48 32.83 -11.44
C TYR B 335 -16.83 31.55 -10.69
N LEU B 336 -17.99 30.98 -11.00
CA LEU B 336 -18.33 29.65 -10.51
C LEU B 336 -17.84 28.60 -11.49
N TYR B 337 -17.24 27.53 -10.95
CA TYR B 337 -16.79 26.40 -11.76
C TYR B 337 -17.58 25.17 -11.37
N VAL B 338 -18.09 24.46 -12.37
CA VAL B 338 -19.05 23.38 -12.14
C VAL B 338 -18.62 22.12 -12.90
N LEU B 339 -18.67 20.98 -12.22
CA LEU B 339 -18.41 19.68 -12.85
C LEU B 339 -19.69 18.88 -12.88
N THR B 340 -19.96 18.23 -14.01
CA THR B 340 -21.18 17.45 -14.14
C THR B 340 -20.91 15.94 -13.96
N ASP B 341 -21.90 15.23 -13.45
CA ASP B 341 -21.78 13.80 -13.10
C ASP B 341 -22.33 12.93 -14.22
N GLU B 342 -21.61 12.89 -15.34
CA GLU B 342 -22.04 12.19 -16.55
C GLU B 342 -20.86 11.44 -17.19
N SER B 343 -21.18 10.44 -18.01
CA SER B 343 -20.18 9.72 -18.81
C SER B 343 -19.46 10.69 -19.75
N SER B 344 -20.23 11.60 -20.34
CA SER B 344 -19.66 12.68 -21.14
CA SER B 344 -19.66 12.68 -21.14
C SER B 344 -19.86 13.99 -20.39
N GLY B 345 -19.22 14.08 -19.23
CA GLY B 345 -19.33 15.22 -18.34
C GLY B 345 -18.60 16.45 -18.81
N GLU B 346 -18.82 17.55 -18.10
CA GLU B 346 -18.30 18.86 -18.50
C GLU B 346 -17.72 19.60 -17.32
N LEU B 347 -16.74 20.45 -17.62
CA LEU B 347 -16.31 21.51 -16.73
C LEU B 347 -16.89 22.81 -17.30
N LEU B 348 -17.70 23.48 -16.48
CA LEU B 348 -18.41 24.69 -16.87
C LEU B 348 -17.90 25.89 -16.08
N LYS B 349 -17.83 27.04 -16.75
CA LYS B 349 -17.53 28.33 -16.12
C LYS B 349 -18.82 29.16 -16.18
N VAL B 350 -19.31 29.56 -15.00
CA VAL B 350 -20.66 30.11 -14.88
C VAL B 350 -20.62 31.49 -14.23
N SER B 351 -21.44 32.39 -14.76
CA SER B 351 -21.53 33.75 -14.26
C SER B 351 -22.96 34.28 -14.43
N PRO B 352 -23.37 35.25 -13.58
CA PRO B 352 -24.73 35.78 -13.68
C PRO B 352 -24.91 36.78 -14.82
N ARG B 353 -26.15 36.90 -15.29
CA ARG B 353 -26.49 37.89 -16.32
CA ARG B 353 -26.50 37.89 -16.32
C ARG B 353 -27.03 39.19 -15.73
CA CA C . 30.87 -19.17 -7.86
P PO4 D . 15.04 -33.53 10.43
O1 PO4 D . 13.58 -33.88 10.67
O2 PO4 D . 15.86 -33.66 11.68
O3 PO4 D . 15.62 -34.46 9.38
O4 PO4 D . 15.13 -32.10 9.97
C1 EDO E . 30.90 -16.54 -3.94
O1 EDO E . 30.96 -17.98 -4.03
C2 EDO E . 32.31 -15.99 -3.72
O2 EDO E . 33.18 -16.51 -4.72
C1 EDO F . 16.38 -12.61 2.61
O1 EDO F . 15.51 -11.54 2.24
C2 EDO F . 17.60 -12.65 1.70
O2 EDO F . 18.28 -11.39 1.78
C1 EDO G . 12.27 -11.47 -20.64
O1 EDO G . 11.76 -12.21 -21.76
C2 EDO G . 13.78 -11.39 -20.69
O2 EDO G . 14.34 -12.70 -20.79
C1 EDO H . 7.70 -4.11 15.95
C1 EDO H . 7.53 -4.22 16.44
O1 EDO H . 7.88 -4.37 17.35
O1 EDO H . 7.67 -2.79 16.45
C2 EDO H . 8.60 -5.01 15.12
C2 EDO H . 8.32 -4.79 15.27
O2 EDO H . 9.97 -4.94 15.56
O2 EDO H . 9.70 -4.95 15.65
C1 EDO I . 9.56 7.90 2.15
O1 EDO I . 10.43 8.16 3.25
C2 EDO I . 10.10 8.55 0.88
O2 EDO I . 11.44 8.06 0.65
C1 EDO J . -5.40 -15.32 4.41
C1 EDO J . -5.80 -15.17 4.93
O1 EDO J . -6.17 -15.76 5.55
O1 EDO J . -6.74 -14.15 5.30
C2 EDO J . -6.26 -15.41 3.16
C2 EDO J . -5.71 -15.27 3.41
O2 EDO J . -6.69 -16.77 2.95
O2 EDO J . -5.82 -16.65 3.04
C1 EDO K . 1.92 -29.09 -0.99
O1 EDO K . 1.89 -28.08 0.03
C2 EDO K . 2.32 -28.50 -2.34
O2 EDO K . 1.58 -27.29 -2.62
C1 EDO L . -1.53 -0.70 0.94
O1 EDO L . -0.68 0.04 0.06
C2 EDO L . -1.38 -2.19 0.64
O2 EDO L . -0.08 -2.45 0.09
C1 EDO M . -0.77 -5.55 -0.36
O1 EDO M . -1.18 -5.69 1.01
C2 EDO M . -0.01 -6.78 -0.80
O2 EDO M . -0.53 -7.21 -2.08
C1 EDO N . 38.08 -7.57 -5.03
O1 EDO N . 38.34 -6.37 -5.77
C2 EDO N . 37.38 -8.59 -5.91
O2 EDO N . 38.34 -9.26 -6.74
C1 EDO O . 17.72 2.82 -12.16
O1 EDO O . 16.33 2.69 -12.47
C2 EDO O . 18.51 2.86 -13.45
O2 EDO O . 18.03 3.94 -14.25
C1 EDO P . 8.17 -11.34 -21.94
O1 EDO P . 8.11 -9.97 -21.48
C2 EDO P . 8.55 -11.35 -23.42
O2 EDO P . 7.56 -10.63 -24.15
C1 EDO Q . 18.20 -10.03 15.09
O1 EDO Q . 18.44 -10.71 16.32
C2 EDO Q . 18.48 -8.55 15.30
O2 EDO Q . 19.90 -8.36 15.50
CA CA R . -29.19 14.76 10.61
C1 EDO S . -11.50 12.23 -19.77
O1 EDO S . -12.54 11.27 -19.47
C2 EDO S . -10.80 11.88 -21.08
O2 EDO S . -11.59 12.35 -22.18
C1 EDO T . -30.65 11.70 6.39
O1 EDO T . -31.33 11.85 7.63
C2 EDO T . -29.30 12.41 6.46
O2 EDO T . -28.65 11.99 7.68
C1 EDO U . -17.84 15.99 -4.52
O1 EDO U . -17.75 16.97 -5.55
C2 EDO U . -19.08 16.20 -3.68
O2 EDO U . -20.22 16.09 -4.55
C1 EDO V . -1.79 4.73 7.65
O1 EDO V . -0.81 4.23 8.58
C2 EDO V . -3.17 4.40 8.22
O2 EDO V . -3.74 3.32 7.47
C1 EDO W . -22.57 36.97 5.06
O1 EDO W . -22.23 37.95 6.04
C2 EDO W . -23.79 36.16 5.46
O2 EDO W . -23.67 35.73 6.82
C1 EDO X . -16.14 4.92 -12.29
O1 EDO X . -16.85 4.46 -11.13
C2 EDO X . -16.88 6.12 -12.87
O2 EDO X . -17.88 5.66 -13.79
C1 EDO Y . -27.76 28.13 -21.09
O1 EDO Y . -27.35 27.01 -20.33
C2 EDO Y . -27.12 29.37 -20.48
O2 EDO Y . -27.63 29.56 -19.17
C1 EDO Z . 1.40 26.32 -9.90
O1 EDO Z . 2.39 26.35 -8.86
C2 EDO Z . 1.40 24.95 -10.57
O2 EDO Z . 2.74 24.51 -10.79
C1 EDO AA . -8.72 28.03 -13.92
O1 EDO AA . -8.21 28.41 -15.21
C2 EDO AA . -9.49 29.19 -13.30
O2 EDO AA . -8.84 29.62 -12.11
C1 EDO BA . 0.91 21.41 5.85
O1 EDO BA . 0.83 21.06 4.46
C2 EDO BA . 0.12 22.68 6.16
O2 EDO BA . -0.22 23.40 4.96
C1 EDO CA . -39.27 13.04 3.37
O1 EDO CA . -39.97 12.85 4.61
C2 EDO CA . -39.92 12.19 2.28
O2 EDO CA . -41.16 12.79 1.89
C1 EDO DA . -23.28 26.10 -22.97
O1 EDO DA . -23.70 24.78 -23.37
C2 EDO DA . -24.50 26.93 -22.60
O2 EDO DA . -25.28 26.19 -21.65
#